data_2HZG
#
_entry.id   2HZG
#
_cell.length_a   62.172
_cell.length_b   117.727
_cell.length_c   132.708
_cell.angle_alpha   90.00
_cell.angle_beta   90.00
_cell.angle_gamma   90.00
#
_symmetry.space_group_name_H-M   'P 21 21 21'
#
loop_
_entity.id
_entity.type
_entity.pdbx_description
1 polymer 'Mandelate racemase/muconate lactonizing enzyme/Enolase superfamily'
2 non-polymer 'SODIUM ION'
3 non-polymer GLYCEROL
4 water water
#
_entity_poly.entity_id   1
_entity_poly.type   'polypeptide(L)'
_entity_poly.pdbx_seq_one_letter_code
;MSLKIDAVDLFYLSMPEVTDAADGSQDALLVRVAAGGHIGWGECEAAPLPSIAAFVCPKSHGVCRPVSDSVLGQRLDGPD
DIARIAALVGYNSMDLLQAPHMLSGIEMALWDLLGRRLSAPAWALLGYSASHGKRPYASLLFGDTPQETLERARAARRDG
FAAVKFGWGPIGRGTVAADADQIMAAREGLGPDGDLMVDVGQIFGEDVEAAAARLPTLDAAGVLWLEEPFDAGALAAHAA
LAGRGARVRIAGGEAAHNFHMAQHLMDYGRIGFIQIDCGRIGGLGPAKRVADAAQARGITYVNHTFTSHLALSASLQPFA
GLEADRICEYPAAPQQLALDITGDHIRPDAEGLIRAPEAPGLGLQVAASALRRYLVETEIRIGGQLIYRTPQLEGHHHHH
H
;
_entity_poly.pdbx_strand_id   A,B
#
loop_
_chem_comp.id
_chem_comp.type
_chem_comp.name
_chem_comp.formula
GOL non-polymer GLYCEROL 'C3 H8 O3'
NA non-polymer 'SODIUM ION' 'Na 1'
#
# COMPACT_ATOMS: atom_id res chain seq x y z
N SER A 2 -0.61 10.21 34.89
CA SER A 2 -0.20 10.22 33.45
C SER A 2 -1.19 9.39 32.64
N LEU A 3 -1.26 9.64 31.34
CA LEU A 3 -2.29 9.03 30.51
C LEU A 3 -1.85 7.83 29.69
N LYS A 4 -2.73 6.84 29.62
CA LYS A 4 -2.58 5.68 28.75
C LYS A 4 -3.86 5.50 27.93
N ILE A 5 -3.71 5.10 26.66
CA ILE A 5 -4.86 4.76 25.83
C ILE A 5 -5.56 3.54 26.40
N ASP A 6 -6.81 3.72 26.81
CA ASP A 6 -7.63 2.69 27.46
CA ASP A 6 -7.51 2.58 27.38
C ASP A 6 -8.66 2.08 26.50
N ALA A 7 -9.01 2.82 25.44
CA ALA A 7 -10.06 2.38 24.52
C ALA A 7 -9.83 2.97 23.13
N VAL A 8 -10.12 2.19 22.12
CA VAL A 8 -10.14 2.69 20.74
C VAL A 8 -11.34 2.04 20.11
N ASP A 9 -12.36 2.85 19.87
CA ASP A 9 -13.59 2.36 19.29
C ASP A 9 -13.72 2.81 17.84
N LEU A 10 -14.09 1.84 17.01
CA LEU A 10 -14.12 1.99 15.57
C LEU A 10 -15.56 1.91 15.07
N PHE A 11 -16.01 2.96 14.40
CA PHE A 11 -17.38 3.09 13.93
C PHE A 11 -17.42 3.08 12.41
N TYR A 12 -17.96 1.98 11.86
CA TYR A 12 -18.14 1.85 10.41
C TYR A 12 -19.44 2.57 10.08
N LEU A 13 -19.37 3.71 9.40
CA LEU A 13 -20.58 4.42 9.02
C LEU A 13 -20.81 4.30 7.53
N SER A 14 -22.09 4.25 7.12
CA SER A 14 -22.38 4.22 5.69
C SER A 14 -23.72 4.87 5.39
N MET A 15 -23.78 5.57 4.26
CA MET A 15 -25.05 5.92 3.59
C MET A 15 -25.83 4.62 3.35
N PRO A 16 -27.17 4.69 3.31
CA PRO A 16 -27.99 3.48 3.11
C PRO A 16 -27.71 2.79 1.78
N GLU A 17 -27.40 3.59 0.76
N GLU A 17 -27.39 3.55 0.73
CA GLU A 17 -26.98 3.11 -0.54
CA GLU A 17 -26.98 2.96 -0.55
C GLU A 17 -25.58 3.66 -0.82
C GLU A 17 -25.74 3.66 -1.14
N VAL A 18 -24.75 2.84 -1.45
CA VAL A 18 -23.45 3.31 -1.90
C VAL A 18 -23.47 3.08 -3.41
N THR A 19 -23.08 4.09 -4.18
CA THR A 19 -23.01 4.01 -5.63
C THR A 19 -21.58 3.83 -6.11
N ASP A 20 -21.43 3.71 -7.44
CA ASP A 20 -20.13 3.60 -8.10
C ASP A 20 -19.50 4.96 -8.44
N ALA A 21 -20.08 6.06 -7.98
CA ALA A 21 -19.38 7.34 -8.01
C ALA A 21 -18.06 7.23 -7.21
N ALA A 22 -17.00 7.91 -7.70
CA ALA A 22 -15.71 7.97 -7.00
C ALA A 22 -15.77 9.04 -5.91
N ASP A 23 -16.57 8.73 -4.89
CA ASP A 23 -16.99 9.73 -3.93
C ASP A 23 -16.80 9.11 -2.56
N GLY A 24 -15.73 9.52 -1.87
CA GLY A 24 -15.38 9.01 -0.54
C GLY A 24 -16.29 9.44 0.61
N SER A 25 -17.29 10.28 0.33
CA SER A 25 -18.19 10.75 1.39
C SER A 25 -19.34 9.79 1.66
N GLN A 26 -19.40 8.68 0.92
CA GLN A 26 -20.52 7.73 1.01
C GLN A 26 -20.44 6.81 2.23
N ASP A 27 -19.23 6.63 2.76
CA ASP A 27 -19.05 5.86 3.96
C ASP A 27 -17.89 6.43 4.75
N ALA A 28 -17.65 5.92 5.95
CA ALA A 28 -16.60 6.45 6.82
C ALA A 28 -16.18 5.42 7.84
N LEU A 29 -14.92 5.51 8.28
CA LEU A 29 -14.51 4.81 9.47
C LEU A 29 -14.05 5.85 10.49
N LEU A 30 -14.85 6.03 11.55
CA LEU A 30 -14.51 7.00 12.59
C LEU A 30 -13.83 6.27 13.76
N VAL A 31 -12.96 6.99 14.44
CA VAL A 31 -12.13 6.38 15.46
C VAL A 31 -12.23 7.24 16.69
N ARG A 32 -12.70 6.65 17.79
CA ARG A 32 -12.75 7.37 19.06
C ARG A 32 -11.72 6.76 19.98
N VAL A 33 -10.73 7.54 20.38
CA VAL A 33 -9.71 7.09 21.32
C VAL A 33 -10.04 7.67 22.70
N ALA A 34 -9.94 6.83 23.74
CA ALA A 34 -10.11 7.27 25.13
C ALA A 34 -8.82 7.03 25.90
N ALA A 35 -8.38 8.04 26.63
CA ALA A 35 -7.23 7.91 27.53
C ALA A 35 -7.62 8.57 28.85
N GLY A 36 -7.94 7.75 29.84
CA GLY A 36 -8.32 8.25 31.17
C GLY A 36 -9.45 9.26 31.12
N GLY A 37 -10.53 8.90 30.44
CA GLY A 37 -11.71 9.78 30.35
C GLY A 37 -11.61 10.90 29.32
N HIS A 38 -10.41 11.16 28.83
CA HIS A 38 -10.21 12.16 27.77
C HIS A 38 -10.44 11.51 26.41
N ILE A 39 -11.16 12.21 25.53
CA ILE A 39 -11.61 11.67 24.24
C ILE A 39 -10.95 12.41 23.07
N GLY A 40 -10.65 11.68 22.01
CA GLY A 40 -10.36 12.30 20.73
C GLY A 40 -10.96 11.50 19.60
N TRP A 41 -11.27 12.18 18.50
CA TRP A 41 -11.87 11.53 17.35
C TRP A 41 -11.01 11.74 16.14
N GLY A 42 -11.03 10.74 15.27
CA GLY A 42 -10.38 10.83 13.97
C GLY A 42 -11.19 10.06 12.92
N GLU A 43 -10.78 10.19 11.67
CA GLU A 43 -11.46 9.55 10.56
C GLU A 43 -10.41 8.96 9.60
N CYS A 44 -10.60 7.69 9.24
CA CYS A 44 -9.76 7.04 8.23
C CYS A 44 -10.42 7.22 6.87
N GLU A 45 -9.66 7.72 5.90
CA GLU A 45 -10.20 7.80 4.54
C GLU A 45 -9.78 6.52 3.81
N ALA A 46 -10.55 5.47 4.03
CA ALA A 46 -10.07 4.13 3.75
C ALA A 46 -11.28 3.24 3.72
N ALA A 47 -11.07 2.02 3.21
CA ALA A 47 -12.09 0.98 3.26
C ALA A 47 -12.27 0.56 4.72
N PRO A 48 -13.47 0.79 5.28
CA PRO A 48 -13.66 0.54 6.70
C PRO A 48 -13.43 -0.88 7.19
N LEU A 49 -13.96 -1.91 6.51
CA LEU A 49 -13.80 -3.24 7.04
C LEU A 49 -12.35 -3.75 7.00
N PRO A 50 -11.63 -3.59 5.86
CA PRO A 50 -10.20 -3.95 5.85
C PRO A 50 -9.41 -3.19 6.90
N SER A 51 -9.75 -1.92 7.13
CA SER A 51 -9.11 -1.13 8.18
C SER A 51 -9.41 -1.69 9.57
N ILE A 52 -10.68 -1.96 9.87
CA ILE A 52 -11.04 -2.61 11.14
C ILE A 52 -10.28 -3.95 11.29
N ALA A 53 -10.25 -4.74 10.22
CA ALA A 53 -9.47 -6.00 10.23
C ALA A 53 -8.00 -5.79 10.55
N ALA A 54 -7.37 -4.75 9.98
CA ALA A 54 -6.00 -4.36 10.32
C ALA A 54 -5.84 -4.03 11.81
N PHE A 55 -6.87 -3.43 12.40
CA PHE A 55 -6.85 -3.12 13.86
C PHE A 55 -6.87 -4.33 14.79
N VAL A 56 -7.65 -5.35 14.43
CA VAL A 56 -7.95 -6.45 15.37
C VAL A 56 -7.44 -7.84 14.99
N CYS A 57 -6.85 -7.98 13.80
CA CYS A 57 -6.54 -9.32 13.28
C CYS A 57 -5.59 -10.10 14.20
N PRO A 58 -5.68 -11.44 14.18
CA PRO A 58 -4.64 -12.23 14.83
C PRO A 58 -3.27 -11.86 14.21
N LYS A 59 -2.21 -11.80 15.00
CA LYS A 59 -0.93 -11.48 14.39
C LYS A 59 -0.48 -12.60 13.44
N SER A 60 0.33 -12.24 12.46
CA SER A 60 0.92 -13.23 11.55
C SER A 60 2.32 -13.59 12.03
N HIS A 61 2.98 -12.61 12.62
CA HIS A 61 4.33 -12.72 13.15
C HIS A 61 4.69 -11.36 13.75
N GLY A 62 5.94 -11.19 14.19
CA GLY A 62 6.38 -10.00 14.94
C GLY A 62 6.27 -8.66 14.26
N VAL A 63 6.37 -8.63 12.92
CA VAL A 63 6.18 -7.36 12.18
C VAL A 63 4.93 -7.38 11.31
N CYS A 64 4.00 -8.28 11.67
CA CYS A 64 2.66 -8.26 11.11
C CYS A 64 1.63 -8.46 12.26
N ARG A 65 1.62 -7.51 13.19
CA ARG A 65 0.68 -7.53 14.30
C ARG A 65 -0.52 -6.65 13.98
N PRO A 66 -1.65 -6.90 14.65
CA PRO A 66 -2.79 -5.98 14.51
C PRO A 66 -2.37 -4.60 15.00
N VAL A 67 -2.91 -3.55 14.37
CA VAL A 67 -2.59 -2.19 14.79
C VAL A 67 -2.82 -1.97 16.31
N SER A 68 -3.86 -2.58 16.86
N SER A 68 -3.87 -2.57 16.84
CA SER A 68 -4.22 -2.43 18.28
CA SER A 68 -4.24 -2.48 18.26
C SER A 68 -3.09 -2.76 19.27
C SER A 68 -3.03 -2.69 19.19
N ASP A 69 -2.22 -3.70 18.88
CA ASP A 69 -1.05 -4.10 19.70
C ASP A 69 -0.10 -2.95 19.98
N SER A 70 -0.03 -1.99 19.06
CA SER A 70 0.88 -0.86 19.18
C SER A 70 0.21 0.40 19.71
N VAL A 71 -1.08 0.30 20.01
CA VAL A 71 -1.88 1.47 20.36
C VAL A 71 -2.52 1.33 21.77
N LEU A 72 -3.30 0.27 21.97
CA LEU A 72 -3.96 0.04 23.26
C LEU A 72 -2.94 -0.08 24.37
N GLY A 73 -3.13 0.69 25.43
CA GLY A 73 -2.28 0.58 26.63
C GLY A 73 -1.06 1.48 26.54
N GLN A 74 -0.88 2.11 25.39
CA GLN A 74 0.27 3.01 25.19
C GLN A 74 0.18 4.31 25.97
N ARG A 75 1.33 4.78 26.47
CA ARG A 75 1.38 6.05 27.20
C ARG A 75 1.23 7.20 26.23
N LEU A 76 0.45 8.19 26.64
CA LEU A 76 0.16 9.35 25.83
C LEU A 76 0.27 10.60 26.70
N ASP A 77 1.52 10.99 26.96
CA ASP A 77 1.88 12.10 27.85
C ASP A 77 2.16 13.40 27.11
N GLY A 78 2.07 13.39 25.78
CA GLY A 78 2.34 14.58 24.99
C GLY A 78 2.56 14.24 23.53
N PRO A 79 2.71 15.27 22.67
CA PRO A 79 2.87 15.09 21.23
C PRO A 79 3.92 14.07 20.82
N ASP A 80 5.06 14.04 21.53
CA ASP A 80 6.12 13.09 21.24
C ASP A 80 5.68 11.64 21.29
N ASP A 81 4.70 11.32 22.15
CA ASP A 81 4.14 9.96 22.19
C ASP A 81 3.34 9.59 20.95
N ILE A 82 2.76 10.58 20.27
CA ILE A 82 2.03 10.33 19.02
C ILE A 82 2.99 9.78 17.97
N ALA A 83 4.09 10.51 17.76
CA ALA A 83 5.19 10.06 16.90
C ALA A 83 5.68 8.67 17.29
N ARG A 84 5.84 8.46 18.60
CA ARG A 84 6.33 7.19 19.13
C ARG A 84 5.37 6.05 18.77
N ILE A 85 4.09 6.28 19.02
CA ILE A 85 3.07 5.29 18.75
C ILE A 85 2.98 4.97 17.25
N ALA A 86 2.98 6.02 16.42
CA ALA A 86 2.96 5.86 14.96
C ALA A 86 4.16 5.05 14.43
N ALA A 87 5.35 5.34 14.94
CA ALA A 87 6.56 4.54 14.61
C ALA A 87 6.43 3.07 15.04
N LEU A 88 5.82 2.84 16.20
CA LEU A 88 5.56 1.49 16.70
C LEU A 88 4.65 0.70 15.77
N VAL A 89 3.53 1.31 15.36
CA VAL A 89 2.65 0.71 14.35
C VAL A 89 3.42 0.44 13.08
N GLY A 90 4.22 1.42 12.62
CA GLY A 90 5.08 1.27 11.45
C GLY A 90 6.00 0.06 11.51
N TYR A 91 6.51 -0.25 12.69
CA TYR A 91 7.39 -1.38 12.86
C TYR A 91 6.61 -2.68 13.04
N ASN A 92 5.72 -2.71 14.03
CA ASN A 92 4.97 -3.94 14.41
C ASN A 92 3.97 -4.39 13.34
N SER A 93 3.49 -3.45 12.52
CA SER A 93 2.49 -3.79 11.47
C SER A 93 3.07 -3.52 10.08
N MET A 94 4.39 -3.54 9.97
CA MET A 94 5.08 -3.30 8.69
C MET A 94 4.55 -4.15 7.52
N ASP A 95 4.30 -5.44 7.76
CA ASP A 95 3.89 -6.36 6.69
C ASP A 95 2.36 -6.41 6.51
N LEU A 96 1.68 -5.53 7.23
N LEU A 96 1.67 -5.55 7.24
CA LEU A 96 0.23 -5.41 7.15
CA LEU A 96 0.23 -5.45 7.13
C LEU A 96 -0.04 -4.20 6.26
C LEU A 96 -0.01 -4.22 6.26
N LEU A 97 -0.28 -4.46 4.98
CA LEU A 97 -0.33 -3.38 3.98
C LEU A 97 -1.35 -2.29 4.33
N GLN A 98 -2.52 -2.70 4.83
CA GLN A 98 -3.61 -1.78 5.20
C GLN A 98 -3.25 -0.84 6.37
N ALA A 99 -2.20 -1.16 7.13
CA ALA A 99 -1.94 -0.45 8.40
C ALA A 99 -2.00 1.10 8.36
N PRO A 100 -1.33 1.77 7.39
CA PRO A 100 -1.30 3.23 7.41
C PRO A 100 -2.69 3.88 7.37
N HIS A 101 -3.65 3.22 6.70
CA HIS A 101 -5.01 3.76 6.58
C HIS A 101 -5.74 3.68 7.91
N MET A 102 -5.57 2.56 8.62
CA MET A 102 -6.08 2.40 9.97
C MET A 102 -5.38 3.37 10.93
N LEU A 103 -4.07 3.47 10.84
CA LEU A 103 -3.30 4.41 11.64
C LEU A 103 -3.73 5.89 11.48
N SER A 104 -4.04 6.31 10.25
CA SER A 104 -4.41 7.69 9.98
C SER A 104 -5.45 8.25 10.96
N GLY A 105 -6.58 7.54 11.08
CA GLY A 105 -7.70 7.96 11.93
C GLY A 105 -7.31 7.96 13.42
N ILE A 106 -6.51 6.95 13.82
CA ILE A 106 -6.02 6.83 15.20
C ILE A 106 -5.12 8.00 15.55
N GLU A 107 -4.16 8.27 14.67
CA GLU A 107 -3.15 9.30 14.90
C GLU A 107 -3.80 10.69 15.00
N MET A 108 -4.71 11.02 14.08
CA MET A 108 -5.38 12.31 14.17
C MET A 108 -6.26 12.41 15.43
N ALA A 109 -6.85 11.29 15.87
CA ALA A 109 -7.65 11.26 17.12
C ALA A 109 -6.78 11.54 18.34
N LEU A 110 -5.49 11.16 18.27
CA LEU A 110 -4.52 11.48 19.32
C LEU A 110 -4.22 12.97 19.41
N TRP A 111 -4.05 13.62 18.26
CA TRP A 111 -3.94 15.07 18.23
C TRP A 111 -5.19 15.78 18.77
N ASP A 112 -6.36 15.28 18.37
CA ASP A 112 -7.63 15.76 18.88
C ASP A 112 -7.71 15.61 20.41
N LEU A 113 -7.40 14.40 20.91
CA LEU A 113 -7.43 14.09 22.35
C LEU A 113 -6.46 15.01 23.11
N LEU A 114 -5.20 15.05 22.70
CA LEU A 114 -4.25 15.89 23.40
C LEU A 114 -4.63 17.38 23.32
N GLY A 115 -5.13 17.82 22.15
CA GLY A 115 -5.56 19.20 22.00
C GLY A 115 -6.72 19.55 22.92
N ARG A 116 -7.70 18.66 22.98
CA ARG A 116 -8.84 18.83 23.87
C ARG A 116 -8.42 18.83 25.35
N ARG A 117 -7.51 17.95 25.72
CA ARG A 117 -7.03 17.91 27.10
C ARG A 117 -6.30 19.20 27.44
N LEU A 118 -5.45 19.67 26.54
CA LEU A 118 -4.66 20.87 26.76
C LEU A 118 -5.34 22.19 26.37
N SER A 119 -6.60 22.16 25.95
CA SER A 119 -7.28 23.33 25.39
C SER A 119 -6.42 24.05 24.33
N ALA A 120 -5.82 23.27 23.41
CA ALA A 120 -5.00 23.85 22.35
C ALA A 120 -5.39 23.23 21.02
N PRO A 121 -5.43 24.06 19.95
CA PRO A 121 -5.69 23.50 18.62
C PRO A 121 -4.54 22.58 18.19
N ALA A 122 -4.88 21.57 17.41
CA ALA A 122 -3.93 20.60 16.94
C ALA A 122 -2.78 21.28 16.20
N TRP A 123 -3.07 22.32 15.41
CA TRP A 123 -2.01 23.03 14.67
C TRP A 123 -0.98 23.69 15.58
N ALA A 124 -1.43 24.12 16.76
CA ALA A 124 -0.51 24.69 17.76
C ALA A 124 0.37 23.58 18.28
N LEU A 125 -0.22 22.42 18.57
CA LEU A 125 0.54 21.26 19.01
C LEU A 125 1.52 20.77 17.93
N LEU A 126 1.15 20.94 16.64
CA LEU A 126 2.02 20.61 15.51
C LEU A 126 3.16 21.58 15.34
N GLY A 127 3.08 22.72 16.00
CA GLY A 127 4.21 23.64 16.00
C GLY A 127 3.96 24.91 15.24
N TYR A 128 2.72 25.11 14.76
CA TYR A 128 2.42 26.37 14.09
C TYR A 128 2.05 27.45 15.11
N SER A 129 2.38 28.70 14.80
N SER A 129 2.38 28.69 14.79
CA SER A 129 2.09 29.81 15.71
CA SER A 129 2.12 29.82 15.68
C SER A 129 0.73 30.44 15.42
C SER A 129 0.75 30.46 15.40
N ALA A 130 0.21 30.17 14.23
CA ALA A 130 -1.04 30.76 13.78
C ALA A 130 -1.76 29.81 12.81
N SER A 131 -3.08 29.95 12.71
CA SER A 131 -3.89 29.29 11.69
C SER A 131 -4.42 30.34 10.71
N HIS A 132 -3.87 30.32 9.51
CA HIS A 132 -4.16 31.34 8.48
C HIS A 132 -5.34 30.97 7.61
N GLY A 133 -6.03 32.00 7.11
CA GLY A 133 -7.17 31.83 6.24
C GLY A 133 -6.81 31.18 4.92
N LYS A 134 -7.63 30.22 4.52
CA LYS A 134 -7.47 29.55 3.24
C LYS A 134 -8.68 29.85 2.38
N ARG A 135 -8.44 30.01 1.08
CA ARG A 135 -9.48 30.29 0.12
C ARG A 135 -9.99 28.94 -0.45
N PRO A 136 -11.23 28.56 -0.09
CA PRO A 136 -11.75 27.23 -0.44
C PRO A 136 -12.16 27.15 -1.92
N TYR A 137 -11.73 26.09 -2.59
CA TYR A 137 -12.26 25.84 -3.92
C TYR A 137 -13.33 24.77 -3.77
N ALA A 138 -14.43 24.92 -4.52
CA ALA A 138 -15.53 23.99 -4.46
C ALA A 138 -15.11 22.71 -5.17
N SER A 139 -15.14 21.59 -4.44
CA SER A 139 -14.66 20.36 -5.01
C SER A 139 -15.83 19.46 -5.37
N LEU A 140 -15.95 19.16 -6.65
CA LEU A 140 -17.16 18.58 -7.21
C LEU A 140 -16.86 17.44 -8.16
N LEU A 141 -17.86 16.63 -8.48
CA LEU A 141 -17.66 15.64 -9.53
C LEU A 141 -18.19 16.19 -10.86
N PHE A 142 -17.51 15.86 -11.95
CA PHE A 142 -18.09 16.06 -13.27
C PHE A 142 -19.47 15.40 -13.36
N GLY A 143 -20.44 16.13 -13.94
CA GLY A 143 -21.73 15.56 -14.28
C GLY A 143 -21.59 14.54 -15.38
N ASP A 144 -22.60 13.70 -15.55
CA ASP A 144 -22.59 12.70 -16.61
C ASP A 144 -22.73 13.33 -18.00
N THR A 145 -23.19 14.57 -18.06
CA THR A 145 -23.27 15.29 -19.33
C THR A 145 -22.63 16.64 -19.08
N PRO A 146 -22.16 17.31 -20.15
CA PRO A 146 -21.61 18.64 -19.98
C PRO A 146 -22.56 19.69 -19.36
N GLN A 147 -23.85 19.65 -19.69
CA GLN A 147 -24.76 20.63 -19.12
C GLN A 147 -24.86 20.47 -17.58
N GLU A 148 -24.89 19.23 -17.10
CA GLU A 148 -24.88 18.99 -15.64
C GLU A 148 -23.64 19.65 -15.00
N THR A 149 -22.47 19.45 -15.62
CA THR A 149 -21.22 20.07 -15.17
C THR A 149 -21.31 21.60 -15.16
N LEU A 150 -21.81 22.17 -16.27
CA LEU A 150 -22.03 23.63 -16.33
C LEU A 150 -22.88 24.10 -15.15
N GLU A 151 -24.01 23.42 -14.91
CA GLU A 151 -24.96 23.80 -13.84
C GLU A 151 -24.31 23.73 -12.43
N ARG A 152 -23.51 22.68 -12.21
CA ARG A 152 -22.70 22.55 -10.99
C ARG A 152 -21.74 23.69 -10.80
N ALA A 153 -21.06 24.09 -11.88
CA ALA A 153 -20.11 25.19 -11.78
C ALA A 153 -20.82 26.53 -11.53
N ARG A 154 -21.95 26.71 -12.22
N ARG A 154 -21.95 26.71 -12.22
CA ARG A 154 -22.82 27.89 -12.07
CA ARG A 154 -22.82 27.87 -12.05
C ARG A 154 -23.32 27.98 -10.62
C ARG A 154 -23.29 27.97 -10.60
N ALA A 155 -23.78 26.86 -10.05
CA ALA A 155 -24.28 26.83 -8.65
C ALA A 155 -23.17 27.14 -7.65
N ALA A 156 -21.97 26.59 -7.85
CA ALA A 156 -20.81 26.92 -7.02
C ALA A 156 -20.46 28.43 -7.05
N ARG A 157 -20.39 29.02 -8.25
N ARG A 157 -20.42 28.99 -8.26
CA ARG A 157 -20.13 30.46 -8.36
CA ARG A 157 -20.17 30.41 -8.46
C ARG A 157 -21.20 31.26 -7.61
C ARG A 157 -21.20 31.28 -7.72
N ARG A 158 -22.47 30.93 -7.84
CA ARG A 158 -23.59 31.62 -7.15
C ARG A 158 -23.58 31.43 -5.63
N ASP A 159 -23.03 30.31 -5.15
CA ASP A 159 -22.83 30.10 -3.71
C ASP A 159 -21.67 30.91 -3.16
N GLY A 160 -20.92 31.55 -4.03
CA GLY A 160 -19.82 32.38 -3.60
C GLY A 160 -18.42 31.82 -3.76
N PHE A 161 -18.31 30.61 -4.32
CA PHE A 161 -16.97 30.07 -4.61
C PHE A 161 -16.33 30.82 -5.75
N ALA A 162 -15.07 31.19 -5.53
CA ALA A 162 -14.24 31.85 -6.53
C ALA A 162 -13.37 30.86 -7.31
N ALA A 163 -13.46 29.57 -6.96
CA ALA A 163 -12.64 28.54 -7.58
C ALA A 163 -13.40 27.23 -7.50
N VAL A 164 -13.30 26.41 -8.56
N VAL A 164 -13.26 26.40 -8.54
CA VAL A 164 -14.01 25.13 -8.63
CA VAL A 164 -13.96 25.13 -8.61
C VAL A 164 -13.08 24.06 -9.23
C VAL A 164 -13.07 24.05 -9.23
N LYS A 165 -13.19 22.84 -8.70
CA LYS A 165 -12.51 21.68 -9.27
C LYS A 165 -13.58 20.65 -9.63
N PHE A 166 -13.49 20.07 -10.81
CA PHE A 166 -14.29 18.90 -11.14
C PHE A 166 -13.39 17.68 -11.26
N GLY A 167 -13.89 16.54 -10.78
CA GLY A 167 -13.10 15.33 -10.81
C GLY A 167 -13.95 14.20 -11.30
N TRP A 168 -13.30 13.18 -11.84
CA TRP A 168 -13.92 11.88 -12.03
C TRP A 168 -15.17 11.94 -12.92
N GLY A 169 -16.24 11.27 -12.52
CA GLY A 169 -17.40 11.10 -13.41
C GLY A 169 -16.88 10.49 -14.71
N PRO A 170 -17.33 11.00 -15.87
CA PRO A 170 -16.86 10.41 -17.15
C PRO A 170 -15.52 10.92 -17.68
N ILE A 171 -14.84 11.80 -16.94
CA ILE A 171 -13.67 12.46 -17.51
C ILE A 171 -12.59 11.41 -17.85
N GLY A 172 -11.97 11.58 -19.02
CA GLY A 172 -10.90 10.72 -19.50
C GLY A 172 -11.31 9.31 -19.87
N ARG A 173 -12.59 8.96 -19.74
CA ARG A 173 -13.05 7.59 -19.99
C ARG A 173 -13.21 7.26 -21.47
N GLY A 174 -13.37 8.30 -22.28
CA GLY A 174 -13.61 8.15 -23.73
C GLY A 174 -12.68 9.06 -24.51
N THR A 175 -13.26 9.86 -25.40
CA THR A 175 -12.48 10.66 -26.31
C THR A 175 -12.07 12.01 -25.68
N VAL A 176 -11.05 12.63 -26.28
CA VAL A 176 -10.66 13.99 -25.97
C VAL A 176 -11.83 14.95 -26.19
N ALA A 177 -12.57 14.75 -27.30
CA ALA A 177 -13.73 15.58 -27.63
C ALA A 177 -14.75 15.63 -26.48
N ALA A 178 -15.11 14.47 -25.93
CA ALA A 178 -16.00 14.39 -24.78
C ALA A 178 -15.43 15.17 -23.57
N ASP A 179 -14.14 14.97 -23.27
CA ASP A 179 -13.49 15.73 -22.19
C ASP A 179 -13.50 17.23 -22.45
N ALA A 180 -13.21 17.63 -23.68
CA ALA A 180 -13.27 19.05 -24.04
C ALA A 180 -14.65 19.67 -23.76
N ASP A 181 -15.71 18.96 -24.11
CA ASP A 181 -17.09 19.40 -23.87
C ASP A 181 -17.34 19.62 -22.37
N GLN A 182 -16.87 18.67 -21.55
CA GLN A 182 -17.01 18.73 -20.10
C GLN A 182 -16.25 19.91 -19.50
N ILE A 183 -15.00 20.06 -19.90
CA ILE A 183 -14.10 21.06 -19.35
C ILE A 183 -14.53 22.47 -19.74
N MET A 184 -14.93 22.62 -21.01
CA MET A 184 -15.46 23.90 -21.50
C MET A 184 -16.76 24.28 -20.82
N ALA A 185 -17.62 23.30 -20.56
CA ALA A 185 -18.87 23.51 -19.82
C ALA A 185 -18.60 23.96 -18.37
N ALA A 186 -17.61 23.33 -17.72
CA ALA A 186 -17.12 23.82 -16.41
C ALA A 186 -16.68 25.29 -16.45
N ARG A 187 -15.85 25.64 -17.44
CA ARG A 187 -15.43 27.02 -17.63
C ARG A 187 -16.64 27.92 -17.90
N GLU A 188 -17.57 27.46 -18.73
CA GLU A 188 -18.76 28.25 -19.09
C GLU A 188 -19.59 28.53 -17.86
N GLY A 189 -19.85 27.51 -17.03
CA GLY A 189 -20.61 27.69 -15.81
C GLY A 189 -19.90 28.57 -14.79
N LEU A 190 -18.57 28.44 -14.71
CA LEU A 190 -17.81 29.13 -13.69
C LEU A 190 -17.65 30.60 -14.01
N GLY A 191 -17.58 30.91 -15.31
CA GLY A 191 -17.23 32.24 -15.75
C GLY A 191 -15.73 32.38 -15.95
N PRO A 192 -15.30 33.47 -16.61
CA PRO A 192 -13.88 33.62 -16.99
C PRO A 192 -12.88 33.89 -15.87
N ASP A 193 -13.32 34.46 -14.76
CA ASP A 193 -12.37 34.91 -13.72
C ASP A 193 -11.95 33.87 -12.68
N GLY A 194 -12.84 32.92 -12.38
CA GLY A 194 -12.56 31.91 -11.38
C GLY A 194 -11.40 30.97 -11.72
N ASP A 195 -10.82 30.37 -10.69
CA ASP A 195 -9.84 29.28 -10.88
C ASP A 195 -10.57 27.97 -11.15
N LEU A 196 -10.11 27.26 -12.18
CA LEU A 196 -10.68 25.98 -12.55
C LEU A 196 -9.60 24.91 -12.47
N MET A 197 -9.93 23.82 -11.77
CA MET A 197 -9.02 22.70 -11.65
C MET A 197 -9.73 21.45 -12.15
N VAL A 198 -8.94 20.50 -12.63
CA VAL A 198 -9.46 19.25 -13.16
C VAL A 198 -8.74 18.06 -12.55
N ASP A 199 -9.52 17.09 -12.08
CA ASP A 199 -9.01 15.89 -11.43
C ASP A 199 -9.50 14.69 -12.22
N VAL A 200 -8.57 13.91 -12.77
CA VAL A 200 -8.94 12.77 -13.61
C VAL A 200 -8.83 11.39 -12.95
N GLY A 201 -8.58 11.37 -11.64
CA GLY A 201 -8.64 10.14 -10.88
C GLY A 201 -7.81 8.98 -11.43
N GLN A 202 -6.58 9.28 -11.85
CA GLN A 202 -5.63 8.24 -12.32
C GLN A 202 -6.09 7.56 -13.62
N ILE A 203 -7.04 8.14 -14.34
CA ILE A 203 -7.71 7.45 -15.44
C ILE A 203 -6.81 7.13 -16.63
N PHE A 204 -5.76 7.92 -16.87
CA PHE A 204 -4.88 7.63 -18.00
C PHE A 204 -3.89 6.51 -17.69
N GLY A 205 -3.87 6.06 -16.43
CA GLY A 205 -3.08 4.90 -16.00
C GLY A 205 -1.60 5.18 -16.14
N GLU A 206 -1.02 4.75 -17.27
CA GLU A 206 0.37 5.08 -17.62
C GLU A 206 0.48 5.66 -19.03
N ASP A 207 -0.66 6.01 -19.61
CA ASP A 207 -0.72 6.43 -21.02
C ASP A 207 -0.43 7.93 -21.11
N VAL A 208 0.86 8.26 -21.19
CA VAL A 208 1.30 9.66 -21.27
C VAL A 208 0.67 10.36 -22.48
N GLU A 209 0.60 9.65 -23.60
CA GLU A 209 0.09 10.28 -24.82
C GLU A 209 -1.41 10.59 -24.75
N ALA A 210 -2.21 9.66 -24.20
CA ALA A 210 -3.65 9.93 -23.96
C ALA A 210 -3.85 11.15 -23.06
N ALA A 211 -3.04 11.26 -21.99
CA ALA A 211 -3.09 12.42 -21.10
C ALA A 211 -2.66 13.69 -21.81
N ALA A 212 -1.54 13.59 -22.53
CA ALA A 212 -0.98 14.74 -23.24
C ALA A 212 -1.99 15.31 -24.22
N ALA A 213 -2.86 14.45 -24.77
CA ALA A 213 -3.83 14.86 -25.79
C ALA A 213 -4.90 15.83 -25.23
N ARG A 214 -5.02 15.88 -23.89
CA ARG A 214 -5.94 16.80 -23.21
C ARG A 214 -5.30 18.13 -22.88
N LEU A 215 -4.00 18.25 -23.03
CA LEU A 215 -3.33 19.48 -22.61
C LEU A 215 -3.80 20.78 -23.33
N PRO A 216 -3.97 20.74 -24.67
CA PRO A 216 -4.52 21.95 -25.32
C PRO A 216 -5.90 22.36 -24.79
N THR A 217 -6.78 21.40 -24.59
CA THR A 217 -8.12 21.67 -24.09
C THR A 217 -8.04 22.30 -22.69
N LEU A 218 -7.24 21.72 -21.82
CA LEU A 218 -7.05 22.25 -20.46
C LEU A 218 -6.51 23.68 -20.52
N ASP A 219 -5.55 23.93 -21.40
CA ASP A 219 -4.98 25.28 -21.51
C ASP A 219 -6.00 26.27 -22.12
N ALA A 220 -6.80 25.81 -23.09
CA ALA A 220 -7.83 26.66 -23.71
C ALA A 220 -8.89 27.09 -22.67
N ALA A 221 -9.19 26.20 -21.72
CA ALA A 221 -10.12 26.50 -20.62
C ALA A 221 -9.45 27.23 -19.45
N GLY A 222 -8.16 27.48 -19.56
CA GLY A 222 -7.39 28.21 -18.54
C GLY A 222 -7.30 27.45 -17.22
N VAL A 223 -7.25 26.12 -17.31
CA VAL A 223 -7.18 25.26 -16.13
C VAL A 223 -5.85 25.42 -15.36
N LEU A 224 -5.96 25.58 -14.05
CA LEU A 224 -4.80 25.77 -13.19
C LEU A 224 -3.95 24.50 -13.04
N TRP A 225 -4.58 23.37 -12.74
CA TRP A 225 -3.86 22.13 -12.58
C TRP A 225 -4.67 20.95 -13.06
N LEU A 226 -3.93 19.91 -13.39
CA LEU A 226 -4.46 18.62 -13.79
C LEU A 226 -4.01 17.66 -12.72
N GLU A 227 -4.98 17.08 -12.02
CA GLU A 227 -4.73 16.30 -10.81
C GLU A 227 -4.81 14.79 -11.09
N GLU A 228 -3.86 14.05 -10.54
CA GLU A 228 -3.82 12.58 -10.66
C GLU A 228 -3.98 12.07 -12.09
N PRO A 229 -3.14 12.55 -13.04
CA PRO A 229 -3.34 12.01 -14.41
C PRO A 229 -3.11 10.49 -14.52
N PHE A 230 -2.27 9.94 -13.64
CA PHE A 230 -1.77 8.57 -13.78
C PHE A 230 -1.86 7.76 -12.49
N ASP A 231 -1.56 6.44 -12.57
CA ASP A 231 -1.31 5.61 -11.38
C ASP A 231 -0.49 6.44 -10.39
N ALA A 232 -0.79 6.32 -9.10
CA ALA A 232 -0.07 7.09 -8.06
C ALA A 232 1.44 6.90 -8.08
N GLY A 233 1.88 5.67 -8.34
CA GLY A 233 3.31 5.37 -8.40
C GLY A 233 4.02 5.67 -9.71
N ALA A 234 3.25 6.04 -10.74
CA ALA A 234 3.83 6.31 -12.08
C ALA A 234 4.48 7.69 -12.17
N LEU A 235 5.63 7.84 -11.52
CA LEU A 235 6.30 9.13 -11.38
C LEU A 235 6.95 9.59 -12.68
N ALA A 236 7.51 8.64 -13.43
CA ALA A 236 8.11 8.95 -14.72
C ALA A 236 7.04 9.43 -15.72
N ALA A 237 5.87 8.80 -15.70
CA ALA A 237 4.72 9.27 -16.49
C ALA A 237 4.35 10.73 -16.14
N HIS A 238 4.25 11.04 -14.85
CA HIS A 238 3.99 12.41 -14.36
C HIS A 238 5.02 13.41 -14.89
N ALA A 239 6.30 13.05 -14.74
CA ALA A 239 7.40 13.88 -15.22
C ALA A 239 7.34 14.08 -16.74
N ALA A 240 7.08 13.02 -17.48
CA ALA A 240 6.93 13.12 -18.95
C ALA A 240 5.81 14.10 -19.33
N LEU A 241 4.65 13.99 -18.69
CA LEU A 241 3.52 14.88 -18.95
C LEU A 241 3.86 16.34 -18.64
N ALA A 242 4.49 16.57 -17.49
CA ALA A 242 4.89 17.90 -17.06
C ALA A 242 5.92 18.54 -17.99
N GLY A 243 6.67 17.73 -18.75
CA GLY A 243 7.70 18.25 -19.65
C GLY A 243 7.20 18.61 -21.05
N ARG A 244 5.90 18.45 -21.30
CA ARG A 244 5.34 18.75 -22.63
C ARG A 244 5.09 20.24 -22.86
N GLY A 245 5.34 21.07 -21.86
CA GLY A 245 5.29 22.51 -22.07
C GLY A 245 3.94 23.22 -21.94
N ALA A 246 2.91 22.50 -21.47
CA ALA A 246 1.60 23.11 -21.25
C ALA A 246 1.64 24.11 -20.09
N ARG A 247 0.66 25.01 -20.03
CA ARG A 247 0.59 25.95 -18.90
C ARG A 247 -0.01 25.28 -17.66
N VAL A 248 -1.04 24.44 -17.87
CA VAL A 248 -1.65 23.68 -16.78
C VAL A 248 -0.56 22.91 -16.05
N ARG A 249 -0.57 22.99 -14.74
CA ARG A 249 0.42 22.29 -13.92
C ARG A 249 -0.12 20.93 -13.49
N ILE A 250 0.77 20.05 -13.05
CA ILE A 250 0.35 18.71 -12.62
C ILE A 250 0.24 18.70 -11.09
N ALA A 251 -0.80 18.06 -10.59
CA ALA A 251 -1.01 17.94 -9.15
C ALA A 251 -1.24 16.50 -8.79
N GLY A 252 -0.89 16.13 -7.56
CA GLY A 252 -1.23 14.81 -7.05
C GLY A 252 -0.73 14.63 -5.64
N GLY A 253 -0.81 13.38 -5.16
CA GLY A 253 -0.35 13.03 -3.82
C GLY A 253 -1.43 12.51 -2.90
N GLU A 254 -2.70 12.64 -3.27
CA GLU A 254 -3.77 12.20 -2.38
C GLU A 254 -3.73 10.70 -2.09
N ALA A 255 -3.11 9.94 -2.98
CA ALA A 255 -2.98 8.49 -2.76
C ALA A 255 -1.79 8.12 -1.89
N ALA A 256 -0.96 9.10 -1.50
CA ALA A 256 0.19 8.80 -0.61
C ALA A 256 -0.29 8.21 0.72
N HIS A 257 0.17 7.02 1.04
CA HIS A 257 -0.15 6.42 2.34
C HIS A 257 1.12 6.41 3.22
N ASN A 258 2.18 7.06 2.74
CA ASN A 258 3.31 7.38 3.58
C ASN A 258 3.99 8.63 3.07
N PHE A 259 4.92 9.15 3.87
CA PHE A 259 5.68 10.34 3.51
C PHE A 259 6.44 10.21 2.19
N HIS A 260 7.13 9.10 1.97
CA HIS A 260 7.98 8.99 0.79
C HIS A 260 7.23 8.96 -0.55
N MET A 261 6.02 8.41 -0.58
CA MET A 261 5.17 8.54 -1.78
C MET A 261 4.97 10.01 -2.18
N ALA A 262 4.74 10.88 -1.19
CA ALA A 262 4.60 12.31 -1.44
C ALA A 262 5.96 12.92 -1.82
N GLN A 263 7.01 12.61 -1.06
CA GLN A 263 8.33 13.15 -1.40
C GLN A 263 8.81 12.75 -2.80
N HIS A 264 8.59 11.49 -3.16
CA HIS A 264 8.97 11.01 -4.49
C HIS A 264 8.20 11.68 -5.61
N LEU A 265 6.90 11.89 -5.39
CA LEU A 265 6.10 12.64 -6.36
C LEU A 265 6.66 14.05 -6.55
N MET A 266 7.00 14.73 -5.45
CA MET A 266 7.63 16.07 -5.59
C MET A 266 8.99 16.01 -6.28
N ASP A 267 9.81 15.05 -5.89
CA ASP A 267 11.18 14.97 -6.43
C ASP A 267 11.31 14.39 -7.83
N TYR A 268 10.48 13.42 -8.19
CA TYR A 268 10.56 12.79 -9.51
C TYR A 268 9.37 13.09 -10.44
N GLY A 269 8.23 13.49 -9.87
CA GLY A 269 7.01 13.63 -10.65
C GLY A 269 6.84 14.97 -11.30
N ARG A 270 7.64 15.96 -10.88
CA ARG A 270 7.58 17.32 -11.45
C ARG A 270 6.18 17.95 -11.26
N ILE A 271 5.55 17.63 -10.13
CA ILE A 271 4.27 18.25 -9.78
C ILE A 271 4.47 19.68 -9.27
N GLY A 272 3.48 20.52 -9.53
CA GLY A 272 3.43 21.86 -8.98
C GLY A 272 2.65 21.98 -7.69
N PHE A 273 1.81 21.00 -7.40
CA PHE A 273 0.95 21.00 -6.21
C PHE A 273 1.00 19.63 -5.57
N ILE A 274 1.36 19.57 -4.29
CA ILE A 274 1.28 18.32 -3.53
C ILE A 274 0.01 18.37 -2.67
N GLN A 275 -0.77 17.31 -2.71
CA GLN A 275 -2.09 17.28 -2.12
C GLN A 275 -2.18 16.09 -1.22
N ILE A 276 -2.44 16.35 0.06
CA ILE A 276 -2.30 15.30 1.06
C ILE A 276 -3.58 15.09 1.84
N ASP A 277 -3.95 13.83 1.96
CA ASP A 277 -5.08 13.42 2.76
C ASP A 277 -4.56 12.89 4.10
N CYS A 278 -4.81 13.60 5.19
CA CYS A 278 -4.44 13.11 6.54
C CYS A 278 -5.11 11.78 6.90
N GLY A 279 -6.28 11.51 6.30
CA GLY A 279 -6.98 10.24 6.50
C GLY A 279 -6.38 9.03 5.78
N ARG A 280 -5.29 9.24 5.02
CA ARG A 280 -4.63 8.16 4.27
C ARG A 280 -3.14 8.02 4.57
N ILE A 281 -2.50 9.16 4.78
CA ILE A 281 -1.05 9.20 4.91
C ILE A 281 -0.50 8.81 6.30
N GLY A 282 -1.38 8.55 7.26
CA GLY A 282 -0.93 8.25 8.63
C GLY A 282 -1.21 9.38 9.61
N GLY A 283 -2.04 10.35 9.21
CA GLY A 283 -2.46 11.42 10.09
C GLY A 283 -1.67 12.70 9.92
N LEU A 284 -1.66 13.51 10.98
CA LEU A 284 -1.13 14.88 10.91
C LEU A 284 0.39 14.90 10.82
N GLY A 285 1.03 14.00 11.55
CA GLY A 285 2.50 13.92 11.58
C GLY A 285 3.12 13.82 10.20
N PRO A 286 2.83 12.73 9.46
CA PRO A 286 3.39 12.56 8.10
C PRO A 286 3.00 13.70 7.18
N ALA A 287 1.76 14.19 7.31
CA ALA A 287 1.30 15.30 6.50
C ALA A 287 2.10 16.57 6.74
N LYS A 288 2.34 16.91 8.01
CA LYS A 288 3.19 18.03 8.39
C LYS A 288 4.63 17.83 7.88
N ARG A 289 5.10 16.59 7.95
CA ARG A 289 6.41 16.25 7.39
C ARG A 289 6.44 16.57 5.88
N VAL A 290 5.37 16.23 5.16
CA VAL A 290 5.25 16.61 3.72
C VAL A 290 5.25 18.13 3.53
N ALA A 291 4.44 18.83 4.33
CA ALA A 291 4.37 20.29 4.25
C ALA A 291 5.74 20.98 4.43
N ASP A 292 6.51 20.53 5.43
CA ASP A 292 7.90 21.00 5.62
C ASP A 292 8.74 20.72 4.35
N ALA A 293 8.61 19.49 3.81
CA ALA A 293 9.38 19.10 2.63
C ALA A 293 8.93 19.91 1.40
N ALA A 294 7.63 20.17 1.28
CA ALA A 294 7.12 21.02 0.21
C ALA A 294 7.65 22.46 0.34
N GLN A 295 7.63 23.00 1.55
CA GLN A 295 8.22 24.32 1.83
C GLN A 295 9.69 24.39 1.41
N ALA A 296 10.47 23.39 1.78
CA ALA A 296 11.89 23.33 1.38
C ALA A 296 12.06 23.37 -0.16
N ARG A 297 11.08 22.80 -0.88
CA ARG A 297 11.08 22.70 -2.33
C ARG A 297 10.35 23.83 -3.06
N GLY A 298 9.62 24.65 -2.33
CA GLY A 298 8.85 25.72 -2.94
C GLY A 298 7.67 25.18 -3.73
N ILE A 299 7.19 24.01 -3.33
CA ILE A 299 5.99 23.39 -3.91
C ILE A 299 4.77 23.73 -3.04
N THR A 300 3.72 24.21 -3.67
CA THR A 300 2.45 24.50 -2.99
C THR A 300 1.82 23.23 -2.40
N TYR A 301 1.51 23.29 -1.10
CA TYR A 301 0.83 22.23 -0.40
C TYR A 301 -0.67 22.54 -0.33
N VAL A 302 -1.50 21.53 -0.57
CA VAL A 302 -2.96 21.67 -0.48
C VAL A 302 -3.44 20.42 0.23
N ASN A 303 -4.49 20.55 1.02
CA ASN A 303 -5.19 19.38 1.51
C ASN A 303 -5.91 18.65 0.37
N HIS A 304 -6.01 17.33 0.50
CA HIS A 304 -7.04 16.58 -0.20
C HIS A 304 -8.15 16.27 0.80
N THR A 305 -9.35 16.80 0.55
CA THR A 305 -10.52 16.49 1.37
C THR A 305 -11.75 16.39 0.50
N PHE A 306 -12.46 15.27 0.56
CA PHE A 306 -13.71 15.15 -0.17
C PHE A 306 -14.87 14.74 0.76
N THR A 307 -14.65 14.81 2.06
CA THR A 307 -15.56 14.16 3.01
C THR A 307 -16.04 15.12 4.13
N SER A 308 -16.07 14.64 5.39
CA SER A 308 -16.64 15.42 6.51
C SER A 308 -15.80 16.65 6.89
N HIS A 309 -16.33 17.51 7.75
CA HIS A 309 -15.50 18.60 8.26
C HIS A 309 -14.50 18.13 9.30
N LEU A 310 -14.70 16.97 9.90
CA LEU A 310 -13.65 16.39 10.77
C LEU A 310 -12.38 16.09 9.93
N ALA A 311 -12.57 15.44 8.79
CA ALA A 311 -11.51 15.21 7.78
C ALA A 311 -10.94 16.52 7.28
N LEU A 312 -11.82 17.50 6.98
CA LEU A 312 -11.37 18.81 6.52
C LEU A 312 -10.47 19.48 7.54
N SER A 313 -10.93 19.54 8.79
CA SER A 313 -10.15 20.14 9.85
C SER A 313 -8.79 19.46 9.92
N ALA A 314 -8.78 18.13 9.89
CA ALA A 314 -7.53 17.39 10.05
C ALA A 314 -6.57 17.71 8.91
N SER A 315 -7.09 17.76 7.69
CA SER A 315 -6.23 17.97 6.53
C SER A 315 -5.81 19.43 6.34
N LEU A 316 -6.46 20.36 7.06
CA LEU A 316 -6.01 21.75 7.10
C LEU A 316 -4.88 21.95 8.12
N GLN A 317 -4.89 21.15 9.20
CA GLN A 317 -3.88 21.30 10.26
C GLN A 317 -2.44 21.39 9.73
N PRO A 318 -2.02 20.48 8.82
CA PRO A 318 -0.60 20.46 8.44
C PRO A 318 -0.08 21.68 7.67
N PHE A 319 -0.97 22.53 7.18
CA PHE A 319 -0.51 23.75 6.51
C PHE A 319 -1.18 25.01 7.07
N ALA A 320 -1.76 24.89 8.27
CA ALA A 320 -2.43 26.01 8.93
C ALA A 320 -1.51 27.23 9.05
N GLY A 321 -0.26 26.99 9.42
CA GLY A 321 0.67 28.09 9.67
C GLY A 321 1.44 28.53 8.45
N LEU A 322 1.15 27.95 7.28
CA LEU A 322 1.79 28.36 6.03
C LEU A 322 0.92 29.37 5.29
N GLU A 323 1.14 30.65 5.58
CA GLU A 323 0.27 31.69 5.13
C GLU A 323 0.09 31.76 3.62
N ALA A 324 1.18 31.54 2.87
CA ALA A 324 1.15 31.70 1.41
C ALA A 324 0.48 30.53 0.70
N ASP A 325 0.45 29.35 1.35
CA ASP A 325 -0.29 28.22 0.78
C ASP A 325 -1.77 28.39 1.08
N ARG A 326 -2.38 29.26 0.28
CA ARG A 326 -3.69 29.83 0.64
C ARG A 326 -4.89 29.09 0.12
N ILE A 327 -4.72 28.23 -0.87
CA ILE A 327 -5.93 27.55 -1.32
C ILE A 327 -6.13 26.21 -0.57
N CYS A 328 -7.39 25.82 -0.40
CA CYS A 328 -7.71 24.53 0.18
C CYS A 328 -8.85 23.90 -0.58
N GLU A 329 -8.86 22.58 -0.58
CA GLU A 329 -9.99 21.83 -1.09
C GLU A 329 -11.16 21.85 -0.13
N TYR A 330 -12.34 22.11 -0.68
CA TYR A 330 -13.56 22.14 0.10
C TYR A 330 -14.63 21.25 -0.55
N PRO A 331 -15.09 20.20 0.15
CA PRO A 331 -16.12 19.35 -0.47
C PRO A 331 -17.45 20.10 -0.57
N ALA A 332 -17.85 20.44 -1.79
CA ALA A 332 -19.01 21.30 -2.00
C ALA A 332 -20.33 20.54 -2.19
N ALA A 333 -20.28 19.25 -2.48
CA ALA A 333 -21.51 18.44 -2.57
C ALA A 333 -21.36 17.08 -1.86
N PRO A 334 -20.94 17.09 -0.57
CA PRO A 334 -20.74 15.78 0.07
C PRO A 334 -22.06 15.05 0.34
N GLN A 335 -22.01 13.72 0.44
CA GLN A 335 -23.15 12.96 0.91
C GLN A 335 -23.56 13.42 2.31
N GLN A 336 -24.84 13.21 2.63
CA GLN A 336 -25.38 13.61 3.92
C GLN A 336 -24.58 13.04 5.09
N LEU A 337 -24.06 11.82 4.94
CA LEU A 337 -23.25 11.22 5.99
C LEU A 337 -22.14 12.17 6.41
N ALA A 338 -21.38 12.67 5.43
CA ALA A 338 -20.24 13.55 5.71
C ALA A 338 -20.65 14.83 6.43
N LEU A 339 -21.75 15.44 5.98
CA LEU A 339 -22.37 16.60 6.65
C LEU A 339 -22.73 16.28 8.11
N ASP A 340 -23.32 15.11 8.35
CA ASP A 340 -23.90 14.79 9.67
C ASP A 340 -22.87 14.36 10.69
N ILE A 341 -21.66 14.01 10.21
CA ILE A 341 -20.61 13.45 11.10
C ILE A 341 -20.18 14.44 12.19
N THR A 342 -20.09 15.72 11.86
CA THR A 342 -19.79 16.71 12.89
C THR A 342 -21.04 17.53 13.22
N GLY A 343 -21.17 17.89 14.50
CA GLY A 343 -22.33 18.66 14.97
C GLY A 343 -22.19 20.12 14.59
N ASP A 344 -20.96 20.63 14.71
CA ASP A 344 -20.59 21.93 14.17
C ASP A 344 -19.74 21.76 12.90
N HIS A 345 -19.51 22.87 12.20
CA HIS A 345 -18.83 22.83 10.91
C HIS A 345 -17.85 23.97 10.79
N ILE A 346 -16.93 23.88 9.84
CA ILE A 346 -16.01 24.96 9.57
C ILE A 346 -16.75 25.99 8.70
N ARG A 347 -16.82 27.22 9.21
N ARG A 347 -16.88 27.21 9.23
CA ARG A 347 -17.54 28.29 8.52
CA ARG A 347 -17.60 28.29 8.53
C ARG A 347 -16.61 29.40 8.06
C ARG A 347 -16.65 29.40 8.07
N PRO A 348 -16.95 30.05 6.92
CA PRO A 348 -16.06 31.11 6.40
C PRO A 348 -16.10 32.35 7.31
N ASP A 349 -15.02 33.11 7.35
CA ASP A 349 -15.05 34.43 7.98
C ASP A 349 -15.68 35.45 7.01
N ALA A 350 -15.64 36.73 7.35
CA ALA A 350 -16.27 37.76 6.52
C ALA A 350 -15.60 37.90 5.14
N GLU A 351 -14.33 37.52 5.06
CA GLU A 351 -13.57 37.57 3.82
C GLU A 351 -13.74 36.32 2.96
N GLY A 352 -14.50 35.35 3.45
CA GLY A 352 -14.75 34.09 2.72
C GLY A 352 -13.69 33.02 2.93
N LEU A 353 -12.79 33.25 3.90
CA LEU A 353 -11.69 32.33 4.16
C LEU A 353 -12.07 31.35 5.28
N ILE A 354 -11.57 30.12 5.15
CA ILE A 354 -11.74 29.14 6.22
C ILE A 354 -10.38 28.73 6.79
N ARG A 355 -10.37 28.08 7.93
CA ARG A 355 -9.09 27.78 8.55
C ARG A 355 -9.20 26.59 9.46
N ALA A 356 -8.06 25.96 9.71
CA ALA A 356 -7.93 24.96 10.75
C ALA A 356 -8.46 25.62 12.03
N PRO A 357 -9.49 25.02 12.64
CA PRO A 357 -10.17 25.67 13.76
C PRO A 357 -9.24 26.18 14.87
N GLU A 358 -9.57 27.35 15.39
CA GLU A 358 -8.85 27.91 16.52
C GLU A 358 -9.17 27.12 17.81
N ALA A 359 -10.32 26.46 17.82
CA ALA A 359 -10.76 25.63 18.93
C ALA A 359 -9.84 24.39 19.20
N PRO A 360 -9.95 23.80 20.41
CA PRO A 360 -9.06 22.70 20.85
C PRO A 360 -9.11 21.43 19.99
N GLY A 361 -7.96 20.76 19.89
CA GLY A 361 -7.83 19.57 19.04
C GLY A 361 -8.16 19.89 17.59
N LEU A 362 -8.97 19.05 16.99
CA LEU A 362 -9.46 19.28 15.63
C LEU A 362 -10.59 20.31 15.59
N GLY A 363 -11.08 20.72 16.76
CA GLY A 363 -11.94 21.91 16.87
C GLY A 363 -13.39 21.70 16.48
N LEU A 364 -13.80 20.44 16.36
CA LEU A 364 -15.17 20.07 15.98
C LEU A 364 -15.61 18.87 16.76
N GLN A 365 -16.92 18.81 17.01
CA GLN A 365 -17.49 17.74 17.80
C GLN A 365 -18.09 16.70 16.85
N VAL A 366 -17.78 15.43 17.08
CA VAL A 366 -18.43 14.35 16.33
C VAL A 366 -19.84 14.21 16.87
N ALA A 367 -20.82 14.14 15.97
CA ALA A 367 -22.21 14.04 16.39
C ALA A 367 -22.61 12.59 16.66
N ALA A 368 -23.00 12.30 17.90
CA ALA A 368 -23.52 10.97 18.26
C ALA A 368 -24.76 10.61 17.45
N SER A 369 -25.56 11.60 17.05
CA SER A 369 -26.67 11.34 16.10
C SER A 369 -26.24 10.70 14.75
N ALA A 370 -25.07 11.05 14.25
CA ALA A 370 -24.54 10.43 13.03
C ALA A 370 -24.17 8.99 13.28
N LEU A 371 -23.47 8.75 14.38
CA LEU A 371 -23.16 7.37 14.80
C LEU A 371 -24.42 6.49 14.80
N ARG A 372 -25.54 7.02 15.31
CA ARG A 372 -26.78 6.23 15.38
C ARG A 372 -27.41 5.98 14.00
N ARG A 373 -27.51 7.04 13.21
CA ARG A 373 -28.18 6.94 11.93
C ARG A 373 -27.47 6.02 10.91
N TYR A 374 -26.14 6.10 10.90
CA TYR A 374 -25.37 5.50 9.82
C TYR A 374 -24.55 4.27 10.20
N LEU A 375 -24.65 3.84 11.46
CA LEU A 375 -23.82 2.75 11.96
C LEU A 375 -24.07 1.47 11.18
N VAL A 376 -22.97 0.82 10.79
CA VAL A 376 -23.03 -0.47 10.12
C VAL A 376 -22.72 -1.54 11.17
N GLU A 377 -23.64 -2.47 11.36
N GLU A 377 -23.65 -2.48 11.31
N GLU A 377 -23.66 -2.47 11.37
CA GLU A 377 -23.44 -3.55 12.32
CA GLU A 377 -23.53 -3.65 12.18
CA GLU A 377 -23.44 -3.56 12.30
C GLU A 377 -22.46 -4.54 11.71
C GLU A 377 -22.43 -4.55 11.63
C GLU A 377 -22.45 -4.52 11.68
N THR A 378 -21.33 -4.69 12.37
CA THR A 378 -20.18 -5.42 11.84
C THR A 378 -19.68 -6.36 12.93
N GLU A 379 -19.44 -7.62 12.57
CA GLU A 379 -18.86 -8.60 13.50
C GLU A 379 -17.80 -9.43 12.83
N ILE A 380 -16.70 -9.62 13.53
CA ILE A 380 -15.65 -10.53 13.08
C ILE A 380 -15.41 -11.57 14.17
N ARG A 381 -15.49 -12.84 13.80
CA ARG A 381 -15.11 -13.95 14.69
C ARG A 381 -13.94 -14.76 14.17
N ILE A 382 -13.05 -15.14 15.09
CA ILE A 382 -11.97 -16.10 14.83
C ILE A 382 -12.12 -17.21 15.88
N GLY A 383 -12.10 -18.46 15.44
CA GLY A 383 -12.25 -19.61 16.36
C GLY A 383 -13.54 -19.52 17.18
N GLY A 384 -14.60 -19.06 16.54
CA GLY A 384 -15.91 -18.91 17.19
C GLY A 384 -16.07 -17.68 18.06
N GLN A 385 -14.95 -17.02 18.38
CA GLN A 385 -14.90 -15.89 19.32
C GLN A 385 -14.87 -14.53 18.62
N LEU A 386 -15.66 -13.59 19.15
CA LEU A 386 -15.66 -12.22 18.62
C LEU A 386 -14.31 -11.57 18.86
N ILE A 387 -13.73 -11.02 17.80
CA ILE A 387 -12.57 -10.16 17.93
C ILE A 387 -12.92 -8.73 17.57
N TYR A 388 -14.07 -8.54 16.94
CA TYR A 388 -14.63 -7.19 16.74
C TYR A 388 -16.16 -7.20 16.69
N ARG A 389 -16.77 -6.26 17.38
CA ARG A 389 -18.18 -5.96 17.19
C ARG A 389 -18.39 -4.47 17.23
N THR A 390 -19.41 -4.02 16.50
N THR A 390 -19.41 -4.03 16.51
CA THR A 390 -19.80 -2.61 16.47
CA THR A 390 -19.82 -2.63 16.48
C THR A 390 -19.92 -2.06 17.89
C THR A 390 -19.93 -2.06 17.89
N PRO A 391 -19.28 -0.89 18.14
CA PRO A 391 -19.34 -0.31 19.48
C PRO A 391 -20.77 0.02 19.87
N GLN A 392 -21.05 -0.09 21.17
N GLN A 392 -21.05 -0.09 21.16
CA GLN A 392 -22.30 0.34 21.76
CA GLN A 392 -22.36 0.27 21.71
C GLN A 392 -22.51 1.83 21.52
C GLN A 392 -22.53 1.79 21.62
N LEU A 393 -23.76 2.21 21.34
CA LEU A 393 -24.13 3.62 21.25
C LEU A 393 -24.40 4.17 22.65
N GLU A 394 -23.93 5.39 22.90
CA GLU A 394 -24.18 6.17 24.12
C GLU A 394 -23.57 5.58 25.40
N SER B 2 -16.55 -20.39 -23.47
CA SER B 2 -15.92 -19.49 -22.46
C SER B 2 -15.83 -20.16 -21.07
N LEU B 3 -14.71 -19.93 -20.38
CA LEU B 3 -14.63 -20.20 -18.94
C LEU B 3 -14.83 -18.89 -18.18
N LYS B 4 -15.58 -18.95 -17.09
CA LYS B 4 -15.73 -17.83 -16.17
C LYS B 4 -15.37 -18.27 -14.77
N ILE B 5 -14.73 -17.39 -14.02
CA ILE B 5 -14.46 -17.64 -12.61
C ILE B 5 -15.79 -17.75 -11.86
N ASP B 6 -16.02 -18.87 -11.18
N ASP B 6 -16.01 -18.90 -11.23
CA ASP B 6 -17.30 -19.10 -10.50
CA ASP B 6 -17.25 -19.19 -10.54
C ASP B 6 -17.16 -19.36 -9.00
C ASP B 6 -17.09 -19.05 -9.03
N ALA B 7 -15.92 -19.44 -8.51
CA ALA B 7 -15.64 -19.46 -7.07
C ALA B 7 -14.22 -18.98 -6.77
N VAL B 8 -14.07 -18.27 -5.65
CA VAL B 8 -12.76 -17.98 -5.07
C VAL B 8 -12.88 -18.32 -3.60
N ASP B 9 -12.21 -19.38 -3.17
CA ASP B 9 -12.27 -19.77 -1.76
C ASP B 9 -10.96 -19.40 -1.07
N LEU B 10 -11.10 -18.77 0.08
CA LEU B 10 -9.95 -18.23 0.81
C LEU B 10 -9.78 -19.01 2.09
N PHE B 11 -8.59 -19.60 2.28
CA PHE B 11 -8.34 -20.41 3.44
C PHE B 11 -7.30 -19.73 4.31
N TYR B 12 -7.74 -19.28 5.49
CA TYR B 12 -6.84 -18.74 6.50
C TYR B 12 -6.22 -19.92 7.21
N LEU B 13 -4.91 -20.10 7.06
CA LEU B 13 -4.20 -21.21 7.69
C LEU B 13 -3.23 -20.65 8.71
N SER B 14 -3.08 -21.33 9.84
CA SER B 14 -2.13 -20.90 10.88
C SER B 14 -1.58 -22.10 11.63
N MET B 15 -0.30 -22.00 12.02
CA MET B 15 0.27 -22.82 13.08
C MET B 15 -0.53 -22.55 14.36
N PRO B 16 -0.63 -23.55 15.27
CA PRO B 16 -1.47 -23.44 16.49
C PRO B 16 -1.05 -22.30 17.40
N GLU B 17 0.26 -22.04 17.46
CA GLU B 17 0.80 -20.91 18.21
C GLU B 17 1.60 -20.04 17.24
N VAL B 18 1.31 -18.74 17.24
CA VAL B 18 2.04 -17.81 16.40
C VAL B 18 2.84 -16.95 17.34
N THR B 19 4.14 -16.80 17.07
CA THR B 19 5.03 -16.03 17.94
C THR B 19 5.48 -14.73 17.27
N ASP B 20 6.18 -13.90 18.06
CA ASP B 20 6.73 -12.64 17.60
C ASP B 20 7.99 -12.79 16.76
N ALA B 21 8.48 -14.01 16.55
CA ALA B 21 9.55 -14.26 15.59
C ALA B 21 9.26 -13.57 14.25
N ALA B 22 10.33 -13.15 13.57
CA ALA B 22 10.24 -12.50 12.28
C ALA B 22 10.05 -13.56 11.16
N ASP B 23 9.07 -14.44 11.36
CA ASP B 23 8.88 -15.63 10.54
C ASP B 23 7.48 -15.60 9.90
N GLY B 24 7.47 -15.28 8.61
CA GLY B 24 6.23 -15.20 7.85
C GLY B 24 5.66 -16.53 7.40
N SER B 25 6.27 -17.65 7.79
CA SER B 25 5.69 -18.95 7.43
C SER B 25 4.77 -19.52 8.52
N GLN B 26 4.52 -18.75 9.57
CA GLN B 26 3.65 -19.18 10.66
C GLN B 26 2.17 -19.18 10.29
N ASP B 27 1.80 -18.42 9.25
CA ASP B 27 0.41 -18.47 8.75
C ASP B 27 0.41 -18.22 7.24
N ALA B 28 -0.76 -18.32 6.61
CA ALA B 28 -0.86 -18.17 5.16
C ALA B 28 -2.31 -17.93 4.80
N LEU B 29 -2.50 -17.23 3.70
CA LEU B 29 -3.80 -17.17 3.08
C LEU B 29 -3.71 -17.90 1.75
N LEU B 30 -4.36 -19.05 1.67
N LEU B 30 -4.41 -19.03 1.67
CA LEU B 30 -4.40 -19.80 0.43
CA LEU B 30 -4.42 -19.86 0.46
C LEU B 30 -5.65 -19.48 -0.34
C LEU B 30 -5.68 -19.56 -0.34
N VAL B 31 -5.49 -19.41 -1.66
CA VAL B 31 -6.56 -19.02 -2.55
C VAL B 31 -6.81 -20.16 -3.54
N ARG B 32 -8.04 -20.63 -3.60
CA ARG B 32 -8.44 -21.62 -4.61
C ARG B 32 -9.48 -20.99 -5.54
N VAL B 33 -9.09 -20.84 -6.82
CA VAL B 33 -9.98 -20.31 -7.83
C VAL B 33 -10.56 -21.47 -8.63
N ALA B 34 -11.85 -21.39 -8.96
CA ALA B 34 -12.52 -22.40 -9.76
C ALA B 34 -13.18 -21.71 -10.95
N ALA B 35 -13.02 -22.29 -12.13
CA ALA B 35 -13.66 -21.79 -13.34
C ALA B 35 -14.03 -22.98 -14.21
N GLY B 36 -15.34 -23.24 -14.30
CA GLY B 36 -15.87 -24.40 -15.02
C GLY B 36 -15.31 -25.72 -14.55
N GLY B 37 -15.17 -25.87 -13.24
CA GLY B 37 -14.55 -27.08 -12.66
C GLY B 37 -13.03 -27.16 -12.70
N HIS B 38 -12.37 -26.27 -13.45
CA HIS B 38 -10.91 -26.20 -13.42
C HIS B 38 -10.47 -25.39 -12.19
N ILE B 39 -9.39 -25.84 -11.56
CA ILE B 39 -8.95 -25.33 -10.25
C ILE B 39 -7.55 -24.75 -10.36
N GLY B 40 -7.32 -23.63 -9.68
CA GLY B 40 -5.98 -23.05 -9.55
C GLY B 40 -5.76 -22.64 -8.10
N TRP B 41 -4.53 -22.74 -7.61
CA TRP B 41 -4.17 -22.37 -6.26
C TRP B 41 -3.11 -21.27 -6.23
N GLY B 42 -3.20 -20.43 -5.19
CA GLY B 42 -2.21 -19.41 -4.95
C GLY B 42 -2.14 -19.10 -3.47
N GLU B 43 -1.17 -18.26 -3.12
CA GLU B 43 -0.88 -17.93 -1.74
C GLU B 43 -0.56 -16.43 -1.64
N CYS B 44 -1.17 -15.75 -0.67
CA CYS B 44 -0.89 -14.32 -0.47
C CYS B 44 0.24 -14.18 0.52
N GLU B 45 1.16 -13.25 0.23
CA GLU B 45 2.20 -12.87 1.20
C GLU B 45 1.70 -11.68 2.01
N ALA B 46 0.78 -11.98 2.95
CA ALA B 46 -0.09 -10.94 3.51
C ALA B 46 -0.73 -11.37 4.83
N ALA B 47 -1.11 -10.37 5.64
CA ALA B 47 -2.03 -10.55 6.77
C ALA B 47 -3.34 -11.20 6.26
N PRO B 48 -3.62 -12.47 6.62
CA PRO B 48 -4.76 -13.16 6.05
C PRO B 48 -6.15 -12.54 6.28
N LEU B 49 -6.46 -12.08 7.50
CA LEU B 49 -7.76 -11.48 7.75
C LEU B 49 -8.01 -10.12 7.04
N PRO B 50 -7.06 -9.18 7.13
CA PRO B 50 -7.22 -7.97 6.28
C PRO B 50 -7.35 -8.27 4.76
N SER B 51 -6.64 -9.29 4.26
CA SER B 51 -6.73 -9.65 2.85
C SER B 51 -8.12 -10.19 2.53
N ILE B 52 -8.60 -11.11 3.37
CA ILE B 52 -9.96 -11.63 3.26
C ILE B 52 -10.96 -10.47 3.25
N ALA B 53 -10.77 -9.53 4.18
CA ALA B 53 -11.63 -8.34 4.27
C ALA B 53 -11.62 -7.53 2.98
N ALA B 54 -10.43 -7.37 2.38
CA ALA B 54 -10.27 -6.75 1.07
C ALA B 54 -11.06 -7.46 -0.03
N PHE B 55 -11.18 -8.78 0.08
CA PHE B 55 -11.86 -9.55 -0.94
C PHE B 55 -13.38 -9.42 -0.86
N VAL B 56 -13.92 -9.33 0.34
CA VAL B 56 -15.39 -9.42 0.55
C VAL B 56 -16.10 -8.15 1.05
N CYS B 57 -15.36 -7.12 1.45
CA CYS B 57 -15.92 -5.93 2.10
C CYS B 57 -17.01 -5.26 1.26
N PRO B 58 -17.99 -4.63 1.93
CA PRO B 58 -18.90 -3.77 1.17
C PRO B 58 -18.11 -2.67 0.47
N LYS B 59 -18.53 -2.26 -0.72
CA LYS B 59 -17.79 -1.19 -1.39
C LYS B 59 -17.96 0.11 -0.63
N SER B 60 -16.93 0.94 -0.67
CA SER B 60 -16.99 2.30 -0.12
C SER B 60 -17.44 3.29 -1.17
N HIS B 61 -17.14 2.97 -2.41
CA HIS B 61 -17.49 3.79 -3.56
C HIS B 61 -16.92 3.11 -4.80
N GLY B 62 -16.99 3.77 -5.96
CA GLY B 62 -16.67 3.12 -7.23
C GLY B 62 -15.22 2.67 -7.41
N VAL B 63 -14.28 3.32 -6.73
CA VAL B 63 -12.86 2.91 -6.81
C VAL B 63 -12.35 2.39 -5.46
N CYS B 64 -13.30 2.01 -4.61
CA CYS B 64 -13.01 1.26 -3.41
C CYS B 64 -13.97 0.08 -3.30
N ARG B 65 -13.94 -0.80 -4.30
CA ARG B 65 -14.74 -2.00 -4.30
C ARG B 65 -14.01 -3.22 -3.71
N PRO B 66 -14.76 -4.19 -3.19
CA PRO B 66 -14.12 -5.43 -2.75
C PRO B 66 -13.38 -6.03 -3.96
N VAL B 67 -12.29 -6.77 -3.71
CA VAL B 67 -11.54 -7.40 -4.80
C VAL B 67 -12.44 -8.36 -5.59
N SER B 68 -13.36 -9.02 -4.89
N SER B 68 -13.38 -8.99 -4.90
CA SER B 68 -14.26 -10.02 -5.50
CA SER B 68 -14.34 -9.91 -5.51
C SER B 68 -15.04 -9.47 -6.70
C SER B 68 -15.08 -9.29 -6.71
N ASP B 69 -15.35 -8.17 -6.65
N ASP B 69 -15.43 -8.00 -6.60
CA ASP B 69 -16.15 -7.52 -7.70
CA ASP B 69 -16.18 -7.30 -7.66
C ASP B 69 -15.46 -7.63 -9.04
C ASP B 69 -15.46 -7.36 -9.03
N SER B 70 -14.13 -7.55 -9.02
CA SER B 70 -13.32 -7.57 -10.24
C SER B 70 -12.89 -8.95 -10.68
N VAL B 71 -13.25 -9.96 -9.89
CA VAL B 71 -12.76 -11.32 -10.07
C VAL B 71 -13.91 -12.29 -10.39
N LEU B 72 -14.88 -12.41 -9.48
CA LEU B 72 -15.95 -13.40 -9.62
C LEU B 72 -16.73 -13.11 -10.89
N GLY B 73 -16.95 -14.13 -11.71
CA GLY B 73 -17.73 -13.95 -12.93
C GLY B 73 -16.97 -13.44 -14.14
N GLN B 74 -15.66 -13.21 -13.96
CA GLN B 74 -14.80 -12.76 -15.05
C GLN B 74 -14.43 -13.93 -15.98
N ARG B 75 -14.39 -13.65 -17.28
CA ARG B 75 -13.96 -14.63 -18.27
C ARG B 75 -12.47 -14.95 -18.08
N LEU B 76 -12.13 -16.23 -18.13
CA LEU B 76 -10.75 -16.67 -17.94
C LEU B 76 -10.39 -17.73 -18.97
N ASP B 77 -9.99 -17.29 -20.14
CA ASP B 77 -9.68 -18.19 -21.26
C ASP B 77 -8.19 -18.29 -21.58
N GLY B 78 -7.48 -17.19 -21.36
CA GLY B 78 -6.03 -17.13 -21.60
C GLY B 78 -5.38 -16.01 -20.80
N PRO B 79 -4.04 -15.87 -20.94
CA PRO B 79 -3.23 -14.87 -20.25
C PRO B 79 -3.80 -13.46 -20.30
N ASP B 80 -4.38 -13.06 -21.44
CA ASP B 80 -4.89 -11.69 -21.58
C ASP B 80 -6.04 -11.37 -20.63
N ASP B 81 -6.83 -12.39 -20.27
CA ASP B 81 -7.88 -12.20 -19.27
C ASP B 81 -7.29 -11.90 -17.87
N ILE B 82 -6.16 -12.52 -17.55
CA ILE B 82 -5.47 -12.25 -16.27
C ILE B 82 -5.06 -10.78 -16.16
N ALA B 83 -4.50 -10.23 -17.24
CA ALA B 83 -4.13 -8.82 -17.30
C ALA B 83 -5.33 -7.91 -17.09
N ARG B 84 -6.44 -8.24 -17.75
CA ARG B 84 -7.70 -7.49 -17.62
C ARG B 84 -8.22 -7.49 -16.18
N ILE B 85 -8.28 -8.67 -15.55
CA ILE B 85 -8.75 -8.82 -14.19
C ILE B 85 -7.84 -7.99 -13.26
N ALA B 86 -6.52 -8.14 -13.40
CA ALA B 86 -5.59 -7.35 -12.59
C ALA B 86 -5.74 -5.83 -12.76
N ALA B 87 -5.91 -5.38 -14.01
CA ALA B 87 -6.16 -3.95 -14.26
C ALA B 87 -7.48 -3.49 -13.60
N LEU B 88 -8.51 -4.34 -13.65
CA LEU B 88 -9.80 -4.03 -13.04
C LEU B 88 -9.66 -3.86 -11.53
N VAL B 89 -8.93 -4.77 -10.88
CA VAL B 89 -8.66 -4.68 -9.43
C VAL B 89 -7.84 -3.42 -9.14
N GLY B 90 -6.89 -3.11 -10.02
CA GLY B 90 -6.07 -1.91 -9.89
C GLY B 90 -6.88 -0.62 -9.89
N TYR B 91 -7.92 -0.56 -10.71
N TYR B 91 -7.93 -0.54 -10.68
CA TYR B 91 -8.77 0.62 -10.81
CA TYR B 91 -8.74 0.68 -10.74
C TYR B 91 -9.86 0.60 -9.74
C TYR B 91 -9.96 0.67 -9.80
N ASN B 92 -10.71 -0.43 -9.77
CA ASN B 92 -11.90 -0.49 -8.93
C ASN B 92 -11.61 -0.68 -7.42
N SER B 93 -10.38 -1.08 -7.11
CA SER B 93 -9.94 -1.23 -5.71
C SER B 93 -8.75 -0.32 -5.39
N MET B 94 -8.57 0.74 -6.20
CA MET B 94 -7.42 1.63 -6.04
C MET B 94 -7.30 2.23 -4.63
N ASP B 95 -8.45 2.51 -3.99
CA ASP B 95 -8.47 3.12 -2.64
C ASP B 95 -8.54 2.10 -1.50
N LEU B 96 -8.51 0.83 -1.86
CA LEU B 96 -8.51 -0.24 -0.88
C LEU B 96 -7.04 -0.66 -0.77
N LEU B 97 -6.38 -0.16 0.28
CA LEU B 97 -4.93 -0.28 0.39
C LEU B 97 -4.39 -1.71 0.35
N GLN B 98 -5.08 -2.61 1.03
CA GLN B 98 -4.72 -4.03 1.11
C GLN B 98 -4.81 -4.78 -0.24
N ALA B 99 -5.56 -4.23 -1.20
CA ALA B 99 -5.91 -4.97 -2.41
C ALA B 99 -4.76 -5.73 -3.15
N PRO B 100 -3.58 -5.09 -3.35
CA PRO B 100 -2.45 -5.77 -4.04
C PRO B 100 -2.02 -7.11 -3.42
N HIS B 101 -2.06 -7.18 -2.09
CA HIS B 101 -1.70 -8.42 -1.41
C HIS B 101 -2.73 -9.53 -1.62
N MET B 102 -4.01 -9.17 -1.54
CA MET B 102 -5.08 -10.10 -1.84
C MET B 102 -5.03 -10.51 -3.34
N LEU B 103 -4.85 -9.53 -4.20
CA LEU B 103 -4.71 -9.77 -5.65
C LEU B 103 -3.61 -10.80 -5.97
N SER B 104 -2.48 -10.69 -5.29
CA SER B 104 -1.32 -11.52 -5.58
C SER B 104 -1.62 -13.01 -5.54
N GLY B 105 -2.29 -13.45 -4.48
CA GLY B 105 -2.67 -14.85 -4.34
C GLY B 105 -3.69 -15.30 -5.40
N ILE B 106 -4.70 -14.47 -5.65
CA ILE B 106 -5.68 -14.74 -6.70
C ILE B 106 -5.00 -14.83 -8.08
N GLU B 107 -4.18 -13.84 -8.41
CA GLU B 107 -3.58 -13.73 -9.72
C GLU B 107 -2.69 -14.97 -10.01
N MET B 108 -1.84 -15.36 -9.06
CA MET B 108 -1.02 -16.56 -9.29
C MET B 108 -1.88 -17.82 -9.46
N ALA B 109 -2.99 -17.89 -8.72
CA ALA B 109 -3.95 -18.98 -8.87
C ALA B 109 -4.55 -19.05 -10.28
N LEU B 110 -4.74 -17.90 -10.92
CA LEU B 110 -5.25 -17.82 -12.28
C LEU B 110 -4.25 -18.42 -13.27
N TRP B 111 -2.95 -18.13 -13.09
CA TRP B 111 -1.94 -18.76 -13.91
C TRP B 111 -1.88 -20.28 -13.68
N ASP B 112 -2.02 -20.69 -12.41
CA ASP B 112 -2.08 -22.10 -12.05
C ASP B 112 -3.28 -22.81 -12.73
N LEU B 113 -4.46 -22.19 -12.60
CA LEU B 113 -5.69 -22.66 -13.21
C LEU B 113 -5.53 -22.82 -14.71
N LEU B 114 -5.09 -21.75 -15.39
CA LEU B 114 -4.95 -21.79 -16.85
C LEU B 114 -3.90 -22.78 -17.33
N GLY B 115 -2.77 -22.85 -16.61
CA GLY B 115 -1.71 -23.81 -16.93
C GLY B 115 -2.21 -25.24 -16.87
N ARG B 116 -3.01 -25.54 -15.85
N ARG B 116 -3.00 -25.52 -15.83
CA ARG B 116 -3.50 -26.90 -15.67
CA ARG B 116 -3.57 -26.82 -15.57
C ARG B 116 -4.64 -27.23 -16.63
C ARG B 116 -4.58 -27.18 -16.66
N ARG B 117 -5.43 -26.21 -16.99
CA ARG B 117 -6.47 -26.37 -18.01
C ARG B 117 -5.80 -26.61 -19.38
N LEU B 118 -4.73 -25.87 -19.67
CA LEU B 118 -4.06 -25.92 -20.97
C LEU B 118 -2.86 -26.88 -21.01
N SER B 119 -2.62 -27.62 -19.92
CA SER B 119 -1.42 -28.47 -19.80
C SER B 119 -0.13 -27.72 -20.19
N ALA B 120 0.03 -26.50 -19.69
CA ALA B 120 1.23 -25.69 -19.90
C ALA B 120 1.75 -25.20 -18.55
N PRO B 121 3.08 -25.17 -18.37
CA PRO B 121 3.59 -24.55 -17.14
C PRO B 121 3.27 -23.06 -17.15
N ALA B 122 3.05 -22.49 -15.97
CA ALA B 122 2.84 -21.03 -15.87
C ALA B 122 3.93 -20.22 -16.61
N TRP B 123 5.19 -20.63 -16.47
CA TRP B 123 6.29 -19.90 -17.12
C TRP B 123 6.18 -19.85 -18.65
N ALA B 124 5.62 -20.92 -19.23
CA ALA B 124 5.38 -21.01 -20.68
C ALA B 124 4.25 -20.03 -21.06
N LEU B 125 3.17 -20.03 -20.28
CA LEU B 125 2.08 -19.07 -20.46
C LEU B 125 2.54 -17.61 -20.29
N LEU B 126 3.51 -17.39 -19.40
CA LEU B 126 4.11 -16.08 -19.20
C LEU B 126 5.01 -15.62 -20.35
N GLY B 127 5.42 -16.56 -21.20
CA GLY B 127 6.14 -16.22 -22.40
C GLY B 127 7.55 -16.78 -22.48
N TYR B 128 7.96 -17.60 -21.50
CA TYR B 128 9.30 -18.20 -21.52
C TYR B 128 9.28 -19.52 -22.29
N SER B 129 10.38 -19.84 -22.96
CA SER B 129 10.47 -21.07 -23.73
C SER B 129 11.22 -22.16 -22.99
N ALA B 130 11.78 -21.82 -21.81
CA ALA B 130 12.49 -22.79 -20.98
C ALA B 130 12.45 -22.35 -19.52
N SER B 131 12.57 -23.31 -18.63
CA SER B 131 12.75 -23.07 -17.22
C SER B 131 14.16 -23.54 -16.84
N HIS B 132 15.03 -22.59 -16.51
CA HIS B 132 16.41 -22.88 -16.18
C HIS B 132 16.69 -23.03 -14.70
N GLY B 133 17.74 -23.81 -14.40
CA GLY B 133 18.17 -24.10 -13.04
C GLY B 133 18.63 -22.85 -12.32
N LYS B 134 18.23 -22.76 -11.04
N LYS B 134 18.26 -22.78 -11.03
CA LYS B 134 18.61 -21.65 -10.16
CA LYS B 134 18.60 -21.67 -10.16
C LYS B 134 19.28 -22.25 -8.94
C LYS B 134 19.25 -22.23 -8.90
N ARG B 135 20.35 -21.62 -8.47
CA ARG B 135 20.97 -22.03 -7.24
C ARG B 135 20.21 -21.45 -6.04
N PRO B 136 19.64 -22.32 -5.18
CA PRO B 136 18.90 -21.83 -4.01
C PRO B 136 19.82 -21.27 -2.93
N TYR B 137 19.42 -20.14 -2.36
CA TYR B 137 20.19 -19.60 -1.23
C TYR B 137 19.35 -19.65 0.03
N ALA B 138 20.03 -19.91 1.15
CA ALA B 138 19.42 -19.90 2.45
C ALA B 138 19.63 -18.52 3.04
N SER B 139 18.55 -17.97 3.58
CA SER B 139 18.57 -16.65 4.20
C SER B 139 18.88 -16.82 5.70
N LEU B 140 20.07 -16.40 6.11
CA LEU B 140 20.55 -16.65 7.46
C LEU B 140 20.74 -15.34 8.24
N LEU B 141 20.76 -15.48 9.56
CA LEU B 141 20.95 -14.36 10.44
C LEU B 141 22.42 -14.27 10.83
N PHE B 142 23.02 -13.08 10.76
CA PHE B 142 24.37 -12.89 11.32
C PHE B 142 24.33 -13.26 12.82
N GLY B 143 25.33 -13.99 13.29
CA GLY B 143 25.42 -14.32 14.71
C GLY B 143 25.79 -13.05 15.47
N ASP B 144 25.59 -13.05 16.78
CA ASP B 144 26.01 -11.93 17.61
C ASP B 144 27.53 -11.84 17.67
N THR B 145 28.18 -12.95 17.35
CA THR B 145 29.65 -12.96 17.24
C THR B 145 30.05 -13.52 15.86
N PRO B 146 31.23 -13.13 15.36
CA PRO B 146 31.75 -13.73 14.10
C PRO B 146 31.86 -15.25 14.14
N GLN B 147 32.25 -15.77 15.31
N GLN B 147 32.27 -15.85 15.27
CA GLN B 147 32.35 -17.19 15.59
CA GLN B 147 32.33 -17.32 15.34
C GLN B 147 31.03 -17.91 15.26
C GLN B 147 30.95 -17.97 15.17
N GLU B 148 29.91 -17.31 15.67
CA GLU B 148 28.57 -17.84 15.43
C GLU B 148 28.17 -17.80 13.97
N THR B 149 28.47 -16.68 13.32
CA THR B 149 28.27 -16.55 11.86
C THR B 149 29.05 -17.61 11.10
N LEU B 150 30.31 -17.80 11.50
CA LEU B 150 31.16 -18.81 10.89
C LEU B 150 30.51 -20.19 10.95
N GLU B 151 30.05 -20.57 12.14
CA GLU B 151 29.42 -21.86 12.33
C GLU B 151 28.12 -22.00 11.57
N ARG B 152 27.34 -20.92 11.52
CA ARG B 152 26.09 -20.91 10.77
C ARG B 152 26.34 -21.12 9.28
N ALA B 153 27.35 -20.43 8.76
CA ALA B 153 27.76 -20.60 7.36
C ALA B 153 28.24 -22.04 7.12
N ARG B 154 29.05 -22.55 8.04
CA ARG B 154 29.54 -23.93 7.93
C ARG B 154 28.38 -24.93 7.93
N ALA B 155 27.43 -24.75 8.84
CA ALA B 155 26.24 -25.59 8.93
C ALA B 155 25.40 -25.53 7.67
N ALA B 156 25.21 -24.33 7.09
CA ALA B 156 24.47 -24.21 5.83
C ALA B 156 25.15 -24.99 4.69
N ARG B 157 26.47 -24.85 4.58
CA ARG B 157 27.25 -25.59 3.60
C ARG B 157 27.11 -27.12 3.78
N ARG B 158 27.19 -27.58 5.03
CA ARG B 158 27.00 -29.01 5.36
C ARG B 158 25.62 -29.50 4.93
N ASP B 159 24.63 -28.62 5.06
CA ASP B 159 23.24 -28.94 4.69
C ASP B 159 23.02 -28.98 3.17
N GLY B 160 24.02 -28.56 2.42
CA GLY B 160 23.97 -28.64 0.97
C GLY B 160 23.84 -27.31 0.27
N PHE B 161 23.81 -26.19 0.99
CA PHE B 161 23.73 -24.88 0.33
C PHE B 161 25.10 -24.45 -0.19
N ALA B 162 25.11 -24.00 -1.45
CA ALA B 162 26.28 -23.41 -2.07
C ALA B 162 26.10 -21.89 -2.21
N ALA B 163 24.98 -21.38 -1.68
CA ALA B 163 24.68 -19.95 -1.69
C ALA B 163 23.97 -19.63 -0.39
N VAL B 164 24.42 -18.58 0.30
CA VAL B 164 23.75 -18.11 1.53
C VAL B 164 23.69 -16.59 1.54
N LYS B 165 22.64 -16.05 2.15
CA LYS B 165 22.59 -14.64 2.46
C LYS B 165 22.64 -14.48 3.98
N PHE B 166 23.52 -13.63 4.48
CA PHE B 166 23.50 -13.31 5.90
C PHE B 166 22.92 -11.93 6.07
N GLY B 167 22.04 -11.80 7.06
CA GLY B 167 21.41 -10.53 7.31
C GLY B 167 21.26 -10.16 8.77
N TRP B 168 21.12 -8.86 8.98
CA TRP B 168 20.61 -8.31 10.25
C TRP B 168 21.57 -8.66 11.38
N GLY B 169 21.04 -9.01 12.55
CA GLY B 169 21.88 -9.17 13.74
C GLY B 169 22.63 -7.86 13.97
N PRO B 170 23.91 -7.95 14.33
CA PRO B 170 24.73 -6.77 14.61
C PRO B 170 25.22 -6.02 13.37
N ILE B 171 24.94 -6.50 12.16
CA ILE B 171 25.62 -5.94 10.98
C ILE B 171 25.33 -4.44 10.79
N GLY B 172 26.39 -3.65 10.56
CA GLY B 172 26.25 -2.21 10.35
C GLY B 172 25.87 -1.38 11.58
N ARG B 173 25.68 -2.03 12.73
CA ARG B 173 25.25 -1.32 13.94
C ARG B 173 26.40 -0.66 14.69
N GLY B 174 27.63 -1.07 14.38
CA GLY B 174 28.82 -0.57 15.07
C GLY B 174 29.90 -0.18 14.09
N THR B 175 31.10 -0.66 14.33
CA THR B 175 32.27 -0.24 13.56
C THR B 175 32.38 -0.98 12.23
N VAL B 176 33.16 -0.40 11.30
CA VAL B 176 33.53 -1.05 10.05
C VAL B 176 34.26 -2.36 10.37
N ALA B 177 35.15 -2.34 11.36
CA ALA B 177 35.92 -3.53 11.74
C ALA B 177 35.04 -4.69 12.20
N ALA B 178 34.01 -4.41 13.00
CA ALA B 178 33.11 -5.48 13.44
C ALA B 178 32.40 -6.10 12.23
N ASP B 179 31.99 -5.26 11.28
CA ASP B 179 31.37 -5.76 10.04
C ASP B 179 32.33 -6.60 9.21
N ALA B 180 33.60 -6.19 9.16
CA ALA B 180 34.64 -6.93 8.46
C ALA B 180 34.78 -8.33 9.04
N ASP B 181 34.81 -8.43 10.37
CA ASP B 181 34.90 -9.75 11.03
C ASP B 181 33.70 -10.62 10.71
N GLN B 182 32.50 -10.04 10.76
CA GLN B 182 31.29 -10.78 10.43
C GLN B 182 31.26 -11.30 8.99
N ILE B 183 31.59 -10.43 8.04
CA ILE B 183 31.45 -10.77 6.61
C ILE B 183 32.54 -11.76 6.19
N MET B 184 33.74 -11.61 6.75
CA MET B 184 34.82 -12.56 6.50
C MET B 184 34.51 -13.94 7.08
N ALA B 185 33.85 -13.95 8.23
CA ALA B 185 33.42 -15.19 8.90
C ALA B 185 32.39 -15.96 8.07
N ALA B 186 31.44 -15.22 7.50
CA ALA B 186 30.47 -15.80 6.58
C ALA B 186 31.18 -16.44 5.36
N ARG B 187 32.09 -15.71 4.73
CA ARG B 187 32.86 -16.23 3.61
C ARG B 187 33.69 -17.46 4.03
N GLU B 188 34.37 -17.36 5.16
CA GLU B 188 35.19 -18.45 5.65
C GLU B 188 34.36 -19.71 5.85
N GLY B 189 33.19 -19.57 6.45
CA GLY B 189 32.34 -20.74 6.70
C GLY B 189 31.70 -21.31 5.44
N LEU B 190 31.35 -20.43 4.50
CA LEU B 190 30.72 -20.86 3.24
C LEU B 190 31.71 -21.58 2.31
N GLY B 191 32.96 -21.14 2.31
CA GLY B 191 33.95 -21.62 1.35
C GLY B 191 34.10 -20.61 0.22
N PRO B 192 35.21 -20.69 -0.52
CA PRO B 192 35.48 -19.68 -1.53
C PRO B 192 34.63 -19.78 -2.79
N ASP B 193 34.03 -20.93 -3.06
CA ASP B 193 33.29 -21.06 -4.33
C ASP B 193 31.79 -20.72 -4.23
N GLY B 194 31.28 -20.65 -3.00
CA GLY B 194 29.86 -20.38 -2.78
C GLY B 194 29.50 -18.94 -3.07
N ASP B 195 28.20 -18.69 -3.29
CA ASP B 195 27.65 -17.34 -3.49
C ASP B 195 27.24 -16.77 -2.14
N LEU B 196 27.77 -15.59 -1.81
CA LEU B 196 27.52 -14.96 -0.52
C LEU B 196 26.87 -13.60 -0.76
N MET B 197 25.77 -13.37 -0.06
CA MET B 197 25.05 -12.11 -0.15
C MET B 197 24.84 -11.59 1.28
N VAL B 198 24.65 -10.29 1.39
CA VAL B 198 24.58 -9.61 2.69
C VAL B 198 23.38 -8.66 2.69
N ASP B 199 22.53 -8.80 3.70
CA ASP B 199 21.34 -7.97 3.84
C ASP B 199 21.47 -7.18 5.12
N VAL B 200 21.51 -5.84 5.03
CA VAL B 200 21.70 -5.04 6.24
C VAL B 200 20.41 -4.38 6.79
N GLY B 201 19.26 -4.76 6.22
CA GLY B 201 17.95 -4.36 6.74
C GLY B 201 17.80 -2.87 7.02
N GLN B 202 18.26 -2.04 6.07
CA GLN B 202 18.10 -0.57 6.07
C GLN B 202 18.92 0.15 7.16
N ILE B 203 19.90 -0.54 7.75
CA ILE B 203 20.60 -0.05 8.95
C ILE B 203 21.37 1.26 8.74
N PHE B 204 21.80 1.54 7.51
CA PHE B 204 22.57 2.78 7.30
C PHE B 204 21.69 4.02 7.16
N GLY B 205 20.36 3.83 7.10
CA GLY B 205 19.41 4.95 7.10
C GLY B 205 19.49 5.68 5.78
N GLU B 206 20.20 6.81 5.76
CA GLU B 206 20.49 7.57 4.54
C GLU B 206 21.96 7.95 4.46
N ASP B 207 22.75 7.30 5.31
CA ASP B 207 24.18 7.62 5.48
C ASP B 207 25.01 6.87 4.43
N VAL B 208 25.23 7.54 3.30
CA VAL B 208 25.95 6.93 2.19
C VAL B 208 27.41 6.60 2.55
N GLU B 209 28.09 7.50 3.25
CA GLU B 209 29.48 7.30 3.61
C GLU B 209 29.67 6.09 4.56
N ALA B 210 28.74 5.92 5.51
CA ALA B 210 28.74 4.75 6.42
C ALA B 210 28.56 3.44 5.64
N ALA B 211 27.62 3.41 4.70
CA ALA B 211 27.46 2.24 3.84
C ALA B 211 28.66 2.03 2.92
N ALA B 212 29.15 3.09 2.29
CA ALA B 212 30.28 3.01 1.38
C ALA B 212 31.54 2.46 2.06
N ALA B 213 31.65 2.68 3.37
CA ALA B 213 32.80 2.24 4.18
C ALA B 213 32.88 0.72 4.28
N ARG B 214 31.79 0.04 3.96
CA ARG B 214 31.72 -1.41 3.95
C ARG B 214 32.04 -2.02 2.59
N LEU B 215 32.09 -1.21 1.54
CA LEU B 215 32.28 -1.76 0.18
C LEU B 215 33.61 -2.54 0.03
N PRO B 216 34.73 -2.00 0.52
CA PRO B 216 35.96 -2.82 0.38
C PRO B 216 35.86 -4.21 1.01
N THR B 217 35.24 -4.30 2.19
CA THR B 217 35.02 -5.56 2.87
C THR B 217 34.13 -6.48 2.03
N LEU B 218 33.04 -5.94 1.51
CA LEU B 218 32.12 -6.73 0.69
C LEU B 218 32.83 -7.30 -0.56
N ASP B 219 33.58 -6.44 -1.21
CA ASP B 219 34.36 -6.87 -2.37
C ASP B 219 35.47 -7.86 -2.02
N ALA B 220 36.17 -7.63 -0.90
CA ALA B 220 37.18 -8.58 -0.41
C ALA B 220 36.62 -9.97 -0.19
N ALA B 221 35.36 -10.04 0.29
CA ALA B 221 34.69 -11.30 0.54
C ALA B 221 33.93 -11.86 -0.68
N GLY B 222 34.03 -11.19 -1.82
CA GLY B 222 33.35 -11.61 -3.06
C GLY B 222 31.82 -11.57 -2.95
N VAL B 223 31.31 -10.68 -2.11
CA VAL B 223 29.86 -10.58 -1.87
C VAL B 223 29.18 -10.08 -3.16
N LEU B 224 28.13 -10.78 -3.57
N LEU B 224 28.12 -10.79 -3.56
CA LEU B 224 27.43 -10.47 -4.82
CA LEU B 224 27.42 -10.54 -4.82
C LEU B 224 26.54 -9.26 -4.70
C LEU B 224 26.46 -9.36 -4.75
N TRP B 225 25.75 -9.23 -3.64
CA TRP B 225 24.90 -8.07 -3.44
C TRP B 225 24.83 -7.63 -2.00
N LEU B 226 24.52 -6.34 -1.84
CA LEU B 226 24.27 -5.70 -0.55
C LEU B 226 22.81 -5.26 -0.59
N GLU B 227 21.99 -5.91 0.20
CA GLU B 227 20.55 -5.71 0.16
C GLU B 227 20.13 -4.69 1.21
N GLU B 228 19.23 -3.81 0.80
CA GLU B 228 18.62 -2.79 1.68
C GLU B 228 19.64 -2.03 2.54
N PRO B 229 20.62 -1.39 1.89
CA PRO B 229 21.55 -0.61 2.70
C PRO B 229 20.85 0.55 3.42
N PHE B 230 19.80 1.10 2.82
CA PHE B 230 19.16 2.33 3.30
C PHE B 230 17.68 2.17 3.57
N ASP B 231 17.09 3.16 4.25
CA ASP B 231 15.62 3.28 4.32
C ASP B 231 15.05 3.07 2.90
N ALA B 232 13.91 2.38 2.82
CA ALA B 232 13.24 2.10 1.54
C ALA B 232 13.01 3.35 0.65
N GLY B 233 12.73 4.49 1.28
CA GLY B 233 12.44 5.72 0.53
C GLY B 233 13.65 6.52 0.11
N ALA B 234 14.82 6.10 0.59
CA ALA B 234 16.06 6.83 0.33
C ALA B 234 16.66 6.42 -1.02
N LEU B 235 15.92 6.74 -2.08
CA LEU B 235 16.34 6.38 -3.46
C LEU B 235 17.64 7.04 -3.90
N ALA B 236 17.78 8.35 -3.69
CA ALA B 236 19.02 9.04 -4.04
C ALA B 236 20.25 8.44 -3.31
N ALA B 237 20.08 8.05 -2.06
CA ALA B 237 21.16 7.40 -1.30
C ALA B 237 21.57 6.08 -1.97
N HIS B 238 20.59 5.26 -2.37
CA HIS B 238 20.85 4.01 -3.11
C HIS B 238 21.66 4.29 -4.36
N ALA B 239 21.22 5.27 -5.15
CA ALA B 239 21.93 5.66 -6.39
C ALA B 239 23.36 6.13 -6.14
N ALA B 240 23.56 6.93 -5.09
CA ALA B 240 24.91 7.42 -4.74
C ALA B 240 25.83 6.27 -4.36
N LEU B 241 25.33 5.35 -3.53
CA LEU B 241 26.11 4.18 -3.15
C LEU B 241 26.48 3.30 -4.37
N ALA B 242 25.50 3.07 -5.24
CA ALA B 242 25.65 2.29 -6.45
C ALA B 242 26.65 2.90 -7.41
N GLY B 243 26.82 4.22 -7.33
CA GLY B 243 27.74 4.92 -8.20
C GLY B 243 29.18 4.88 -7.74
N ARG B 244 29.43 4.27 -6.59
CA ARG B 244 30.80 4.18 -6.04
C ARG B 244 31.75 3.23 -6.77
N GLY B 245 31.25 2.32 -7.58
CA GLY B 245 32.15 1.51 -8.41
C GLY B 245 32.66 0.20 -7.85
N ALA B 246 32.09 -0.24 -6.73
CA ALA B 246 32.34 -1.55 -6.13
C ALA B 246 31.89 -2.68 -7.04
N ARG B 247 32.41 -3.89 -6.85
CA ARG B 247 31.89 -5.02 -7.60
C ARG B 247 30.54 -5.48 -7.04
N VAL B 248 30.40 -5.42 -5.72
CA VAL B 248 29.12 -5.79 -5.06
C VAL B 248 28.03 -4.81 -5.56
N ARG B 249 26.88 -5.35 -5.94
N ARG B 249 26.89 -5.34 -5.96
CA ARG B 249 25.77 -4.52 -6.42
CA ARG B 249 25.79 -4.48 -6.45
C ARG B 249 24.77 -4.28 -5.30
C ARG B 249 24.70 -4.34 -5.38
N ILE B 250 23.97 -3.23 -5.44
CA ILE B 250 22.92 -2.94 -4.46
C ILE B 250 21.65 -3.72 -4.84
N ALA B 251 20.99 -4.28 -3.83
CA ALA B 251 19.76 -5.04 -4.00
C ALA B 251 18.61 -4.41 -3.22
N GLY B 252 17.40 -4.57 -3.74
CA GLY B 252 16.19 -4.16 -3.01
C GLY B 252 14.98 -4.61 -3.77
N GLY B 253 13.80 -4.42 -3.19
CA GLY B 253 12.55 -4.62 -3.90
C GLY B 253 11.56 -5.54 -3.22
N GLU B 254 11.98 -6.25 -2.19
CA GLU B 254 11.20 -7.34 -1.61
C GLU B 254 9.82 -6.95 -1.06
N ALA B 255 9.63 -5.68 -0.74
CA ALA B 255 8.34 -5.20 -0.24
C ALA B 255 7.55 -4.42 -1.31
N ALA B 256 8.03 -4.38 -2.56
CA ALA B 256 7.24 -3.77 -3.63
C ALA B 256 5.89 -4.47 -3.81
N HIS B 257 4.81 -3.68 -3.82
CA HIS B 257 3.50 -4.24 -4.02
C HIS B 257 2.87 -3.77 -5.32
N ASN B 258 3.69 -3.14 -6.18
CA ASN B 258 3.33 -2.91 -7.59
C ASN B 258 4.58 -2.71 -8.42
N PHE B 259 4.43 -2.70 -9.75
CA PHE B 259 5.56 -2.52 -10.65
C PHE B 259 6.32 -1.22 -10.43
N HIS B 260 5.59 -0.14 -10.16
CA HIS B 260 6.23 1.18 -9.98
C HIS B 260 7.27 1.22 -8.87
N MET B 261 6.94 0.64 -7.73
CA MET B 261 7.89 0.54 -6.63
C MET B 261 9.20 -0.14 -7.02
N ALA B 262 9.10 -1.23 -7.80
CA ALA B 262 10.28 -1.89 -8.33
C ALA B 262 11.02 -0.95 -9.29
N GLN B 263 10.27 -0.32 -10.20
CA GLN B 263 10.87 0.61 -11.14
C GLN B 263 11.55 1.80 -10.46
N HIS B 264 10.97 2.30 -9.37
CA HIS B 264 11.62 3.39 -8.60
C HIS B 264 13.02 2.96 -8.16
N LEU B 265 13.13 1.75 -7.62
CA LEU B 265 14.46 1.25 -7.20
C LEU B 265 15.42 1.07 -8.36
N MET B 266 14.91 0.53 -9.47
CA MET B 266 15.72 0.30 -10.66
C MET B 266 16.23 1.60 -11.27
N ASP B 267 15.32 2.57 -11.45
CA ASP B 267 15.64 3.79 -12.21
C ASP B 267 16.12 4.92 -11.34
N TYR B 268 15.55 5.10 -10.17
CA TYR B 268 15.99 6.19 -9.29
C TYR B 268 17.02 5.73 -8.27
N GLY B 269 16.93 4.47 -7.86
CA GLY B 269 17.89 3.89 -6.91
C GLY B 269 19.11 3.24 -7.56
N ARG B 270 19.08 3.04 -8.88
N ARG B 270 19.06 3.03 -8.88
CA ARG B 270 20.18 2.40 -9.63
CA ARG B 270 20.15 2.41 -9.64
C ARG B 270 20.63 1.06 -9.04
C ARG B 270 20.62 1.07 -9.04
N ILE B 271 19.70 0.29 -8.50
CA ILE B 271 20.04 -1.03 -7.94
C ILE B 271 20.43 -2.04 -9.06
N GLY B 272 21.24 -3.04 -8.71
CA GLY B 272 21.69 -4.06 -9.64
C GLY B 272 21.00 -5.42 -9.50
N PHE B 273 20.36 -5.66 -8.35
CA PHE B 273 19.56 -6.88 -8.17
C PHE B 273 18.20 -6.45 -7.68
N ILE B 274 17.18 -6.70 -8.48
CA ILE B 274 15.81 -6.43 -8.03
C ILE B 274 15.22 -7.71 -7.47
N GLN B 275 14.58 -7.62 -6.32
CA GLN B 275 14.12 -8.79 -5.59
C GLN B 275 12.65 -8.69 -5.40
N ILE B 276 11.93 -9.66 -5.97
CA ILE B 276 10.49 -9.50 -6.15
C ILE B 276 9.72 -10.62 -5.49
N ASP B 277 8.75 -10.25 -4.67
CA ASP B 277 7.85 -11.21 -4.09
C ASP B 277 6.55 -11.21 -4.89
N CYS B 278 6.30 -12.32 -5.60
CA CYS B 278 5.04 -12.53 -6.35
C CYS B 278 3.81 -12.46 -5.49
N GLY B 279 3.96 -12.89 -4.23
CA GLY B 279 2.89 -12.83 -3.22
C GLY B 279 2.58 -11.43 -2.72
N ARG B 280 3.34 -10.43 -3.17
CA ARG B 280 3.14 -9.03 -2.74
C ARG B 280 2.83 -8.09 -3.89
N ILE B 281 3.46 -8.33 -5.05
CA ILE B 281 3.47 -7.38 -6.15
C ILE B 281 2.26 -7.45 -7.09
N GLY B 282 1.36 -8.38 -6.84
CA GLY B 282 0.21 -8.60 -7.71
C GLY B 282 0.29 -9.91 -8.48
N GLY B 283 1.26 -10.77 -8.15
CA GLY B 283 1.34 -12.09 -8.80
C GLY B 283 2.37 -12.17 -9.90
N LEU B 284 2.20 -13.12 -10.82
CA LEU B 284 3.23 -13.38 -11.84
C LEU B 284 3.34 -12.30 -12.94
N GLY B 285 2.21 -11.70 -13.32
CA GLY B 285 2.21 -10.73 -14.42
C GLY B 285 3.08 -9.53 -14.09
N PRO B 286 2.82 -8.86 -12.96
CA PRO B 286 3.69 -7.74 -12.57
C PRO B 286 5.15 -8.11 -12.30
N ALA B 287 5.41 -9.27 -11.72
CA ALA B 287 6.76 -9.77 -11.52
C ALA B 287 7.49 -9.97 -12.85
N LYS B 288 6.78 -10.53 -13.84
CA LYS B 288 7.33 -10.73 -15.18
C LYS B 288 7.60 -9.37 -15.84
N ARG B 289 6.69 -8.40 -15.65
CA ARG B 289 6.98 -7.00 -16.06
C ARG B 289 8.30 -6.47 -15.51
N VAL B 290 8.55 -6.70 -14.22
CA VAL B 290 9.81 -6.30 -13.60
C VAL B 290 10.99 -7.05 -14.26
N ALA B 291 10.85 -8.36 -14.43
CA ALA B 291 11.91 -9.17 -15.04
C ALA B 291 12.24 -8.62 -16.44
N ASP B 292 11.23 -8.33 -17.25
CA ASP B 292 11.48 -7.71 -18.57
C ASP B 292 12.22 -6.37 -18.44
N ALA B 293 11.78 -5.54 -17.50
CA ALA B 293 12.40 -4.23 -17.25
C ALA B 293 13.84 -4.38 -16.73
N ALA B 294 14.07 -5.37 -15.86
CA ALA B 294 15.42 -5.66 -15.34
C ALA B 294 16.37 -6.04 -16.49
N GLN B 295 15.90 -6.95 -17.37
CA GLN B 295 16.65 -7.35 -18.58
C GLN B 295 17.07 -6.15 -19.43
N ALA B 296 16.10 -5.28 -19.72
CA ALA B 296 16.35 -4.06 -20.45
C ALA B 296 17.48 -3.26 -19.82
N ARG B 297 17.58 -3.29 -18.49
CA ARG B 297 18.55 -2.45 -17.76
C ARG B 297 19.84 -3.14 -17.31
N GLY B 298 19.99 -4.42 -17.64
CA GLY B 298 21.15 -5.19 -17.16
C GLY B 298 21.09 -5.35 -15.67
N ILE B 299 19.88 -5.38 -15.12
CA ILE B 299 19.63 -5.63 -13.69
C ILE B 299 19.25 -7.12 -13.53
N THR B 300 19.80 -7.76 -12.51
CA THR B 300 19.47 -9.15 -12.23
C THR B 300 18.21 -9.22 -11.40
N TYR B 301 17.30 -10.10 -11.81
CA TYR B 301 16.09 -10.40 -11.08
C TYR B 301 16.37 -11.54 -10.08
N VAL B 302 15.88 -11.38 -8.86
CA VAL B 302 15.85 -12.48 -7.88
C VAL B 302 14.45 -12.52 -7.30
N ASN B 303 13.94 -13.71 -7.03
CA ASN B 303 12.74 -13.85 -6.26
C ASN B 303 12.97 -13.55 -4.76
N HIS B 304 11.89 -13.18 -4.08
CA HIS B 304 11.88 -13.17 -2.61
C HIS B 304 10.72 -14.08 -2.23
N THR B 305 11.00 -15.05 -1.36
CA THR B 305 10.01 -16.05 -0.95
C THR B 305 10.50 -16.73 0.33
N PHE B 306 9.58 -17.14 1.20
CA PHE B 306 10.03 -17.59 2.53
C PHE B 306 8.97 -18.45 3.21
N THR B 307 8.10 -19.07 2.44
CA THR B 307 7.04 -19.88 3.00
C THR B 307 7.01 -21.25 2.33
N SER B 308 5.93 -21.54 1.61
CA SER B 308 5.69 -22.87 1.03
C SER B 308 6.32 -23.05 -0.35
N HIS B 309 6.27 -24.28 -0.86
CA HIS B 309 6.77 -24.53 -2.20
C HIS B 309 5.78 -24.05 -3.27
N LEU B 310 4.51 -23.89 -2.91
CA LEU B 310 3.56 -23.23 -3.81
C LEU B 310 4.02 -21.78 -4.05
N ALA B 311 4.34 -21.07 -2.97
CA ALA B 311 4.83 -19.71 -3.07
C ALA B 311 6.19 -19.68 -3.79
N LEU B 312 7.04 -20.66 -3.48
CA LEU B 312 8.33 -20.79 -4.14
C LEU B 312 8.20 -21.01 -5.64
N SER B 313 7.30 -21.91 -6.03
CA SER B 313 7.04 -22.17 -7.45
C SER B 313 6.62 -20.91 -8.18
N ALA B 314 5.59 -20.24 -7.63
CA ALA B 314 5.18 -18.93 -8.14
C ALA B 314 6.33 -17.94 -8.23
N SER B 315 7.19 -17.89 -7.20
CA SER B 315 8.31 -16.94 -7.14
C SER B 315 9.33 -17.14 -8.28
N LEU B 316 9.41 -18.37 -8.80
CA LEU B 316 10.42 -18.70 -9.82
C LEU B 316 9.92 -18.46 -11.24
N GLN B 317 8.61 -18.49 -11.42
CA GLN B 317 7.99 -18.37 -12.77
C GLN B 317 8.43 -17.13 -13.56
N PRO B 318 8.47 -15.94 -12.91
CA PRO B 318 8.80 -14.67 -13.61
C PRO B 318 10.21 -14.52 -14.14
N PHE B 319 11.15 -15.35 -13.65
CA PHE B 319 12.49 -15.40 -14.26
C PHE B 319 12.94 -16.78 -14.68
N ALA B 320 11.98 -17.69 -14.85
CA ALA B 320 12.30 -19.07 -15.25
C ALA B 320 13.21 -19.10 -16.50
N GLY B 321 12.89 -18.25 -17.47
CA GLY B 321 13.57 -18.27 -18.76
C GLY B 321 14.80 -17.41 -18.85
N LEU B 322 15.18 -16.77 -17.74
CA LEU B 322 16.38 -15.94 -17.67
C LEU B 322 17.53 -16.79 -17.11
N GLU B 323 18.24 -17.45 -18.02
CA GLU B 323 19.25 -18.42 -17.64
C GLU B 323 20.38 -17.83 -16.77
N ALA B 324 20.85 -16.63 -17.15
CA ALA B 324 21.92 -15.95 -16.41
C ALA B 324 21.55 -15.43 -15.00
N ASP B 325 20.25 -15.31 -14.71
CA ASP B 325 19.80 -14.86 -13.39
C ASP B 325 19.70 -16.12 -12.52
N ARG B 326 20.85 -16.55 -12.02
CA ARG B 326 21.05 -17.95 -11.66
C ARG B 326 20.84 -18.29 -10.19
N ILE B 327 20.53 -17.30 -9.39
CA ILE B 327 20.35 -17.50 -7.95
C ILE B 327 18.89 -17.25 -7.61
N CYS B 328 18.36 -18.09 -6.72
CA CYS B 328 17.02 -17.87 -6.25
C CYS B 328 17.00 -17.97 -4.73
N GLU B 329 16.09 -17.23 -4.10
CA GLU B 329 15.82 -17.44 -2.69
C GLU B 329 15.05 -18.76 -2.50
N TYR B 330 15.35 -19.44 -1.40
CA TYR B 330 14.73 -20.72 -1.08
C TYR B 330 14.31 -20.71 0.41
N PRO B 331 13.08 -21.17 0.73
CA PRO B 331 12.61 -21.25 2.12
C PRO B 331 13.30 -22.41 2.88
N ALA B 332 14.46 -22.13 3.45
CA ALA B 332 15.36 -23.18 3.94
C ALA B 332 14.86 -23.85 5.22
N ALA B 333 14.18 -23.10 6.09
CA ALA B 333 13.68 -23.66 7.34
C ALA B 333 12.34 -23.06 7.75
N PRO B 334 11.27 -23.36 7.00
CA PRO B 334 10.01 -22.76 7.40
C PRO B 334 9.22 -23.60 8.40
N GLN B 335 8.11 -23.04 8.87
CA GLN B 335 7.22 -23.75 9.76
C GLN B 335 6.57 -24.94 9.06
N GLN B 336 6.15 -25.92 9.85
CA GLN B 336 5.53 -27.13 9.33
C GLN B 336 4.34 -26.82 8.42
N LEU B 337 3.60 -25.76 8.74
CA LEU B 337 2.49 -25.34 7.88
C LEU B 337 2.97 -25.19 6.42
N ALA B 338 4.09 -24.49 6.23
CA ALA B 338 4.60 -24.18 4.89
C ALA B 338 4.99 -25.45 4.14
N LEU B 339 5.65 -26.38 4.85
CA LEU B 339 5.99 -27.68 4.26
C LEU B 339 4.75 -28.47 3.86
N ASP B 340 3.75 -28.44 4.73
CA ASP B 340 2.55 -29.26 4.59
C ASP B 340 1.61 -28.80 3.50
N ILE B 341 1.73 -27.53 3.10
CA ILE B 341 0.79 -26.93 2.17
C ILE B 341 0.74 -27.67 0.83
N THR B 342 1.89 -28.18 0.38
CA THR B 342 1.94 -28.97 -0.84
C THR B 342 2.30 -30.42 -0.54
N GLY B 343 1.69 -31.35 -1.29
CA GLY B 343 1.98 -32.80 -1.16
C GLY B 343 3.36 -33.13 -1.68
N ASP B 344 3.71 -32.54 -2.82
CA ASP B 344 5.02 -32.71 -3.40
C ASP B 344 5.83 -31.42 -3.17
N HIS B 345 7.11 -31.44 -3.49
CA HIS B 345 7.98 -30.28 -3.32
C HIS B 345 8.94 -30.17 -4.47
N ILE B 346 9.49 -28.97 -4.64
CA ILE B 346 10.52 -28.69 -5.63
C ILE B 346 11.84 -29.26 -5.09
N ARG B 347 12.49 -30.09 -5.90
N ARG B 347 12.49 -30.11 -5.87
CA ARG B 347 13.74 -30.78 -5.52
CA ARG B 347 13.74 -30.74 -5.44
C ARG B 347 14.91 -30.35 -6.39
C ARG B 347 14.91 -30.38 -6.38
N PRO B 348 16.13 -30.31 -5.82
CA PRO B 348 17.29 -29.92 -6.62
C PRO B 348 17.63 -30.98 -7.65
N ASP B 349 18.32 -30.56 -8.71
CA ASP B 349 18.81 -31.52 -9.69
C ASP B 349 20.20 -31.98 -9.24
N ALA B 350 20.91 -32.65 -10.13
CA ALA B 350 22.24 -33.19 -9.80
C ALA B 350 23.27 -32.09 -9.52
N GLU B 351 23.04 -30.87 -10.03
CA GLU B 351 23.93 -29.74 -9.79
C GLU B 351 23.50 -28.86 -8.59
N GLY B 352 22.54 -29.35 -7.82
CA GLY B 352 21.96 -28.62 -6.71
C GLY B 352 21.03 -27.48 -7.10
N LEU B 353 20.55 -27.49 -8.35
CA LEU B 353 19.73 -26.37 -8.85
C LEU B 353 18.27 -26.72 -8.85
N ILE B 354 17.43 -25.73 -8.56
CA ILE B 354 15.99 -25.91 -8.65
C ILE B 354 15.44 -25.02 -9.75
N ARG B 355 14.23 -25.30 -10.20
CA ARG B 355 13.62 -24.50 -11.25
C ARG B 355 12.10 -24.48 -11.12
N ALA B 356 11.51 -23.44 -11.72
CA ALA B 356 10.07 -23.34 -11.89
C ALA B 356 9.64 -24.65 -12.54
N PRO B 357 8.72 -25.41 -11.89
CA PRO B 357 8.43 -26.77 -12.36
C PRO B 357 8.09 -26.87 -13.86
N GLU B 358 8.71 -27.84 -14.51
CA GLU B 358 8.42 -28.19 -15.89
C GLU B 358 7.23 -29.14 -15.83
N ALA B 359 6.08 -28.54 -15.49
CA ALA B 359 4.83 -29.24 -15.25
C ALA B 359 3.70 -28.19 -15.34
N PRO B 360 2.45 -28.62 -15.56
CA PRO B 360 1.34 -27.66 -15.75
C PRO B 360 1.08 -26.69 -14.59
N GLY B 361 0.80 -25.42 -14.92
CA GLY B 361 0.52 -24.39 -13.91
C GLY B 361 1.72 -24.18 -13.00
N LEU B 362 1.47 -24.15 -11.70
CA LEU B 362 2.53 -23.96 -10.71
C LEU B 362 3.22 -25.29 -10.34
N GLY B 363 2.67 -26.40 -10.87
CA GLY B 363 3.38 -27.68 -10.89
C GLY B 363 3.43 -28.40 -9.56
N LEU B 364 2.53 -28.03 -8.66
CA LEU B 364 2.49 -28.63 -7.33
C LEU B 364 1.06 -28.85 -6.91
N GLN B 365 0.87 -29.92 -6.13
CA GLN B 365 -0.41 -30.31 -5.59
C GLN B 365 -0.59 -29.75 -4.20
N VAL B 366 -1.63 -28.94 -4.00
CA VAL B 366 -1.96 -28.44 -2.66
C VAL B 366 -2.65 -29.56 -1.86
N ALA B 367 -2.17 -29.80 -0.65
CA ALA B 367 -2.65 -30.92 0.19
C ALA B 367 -3.88 -30.60 1.05
N ALA B 368 -5.04 -31.08 0.65
CA ALA B 368 -6.27 -31.04 1.49
C ALA B 368 -6.07 -31.27 3.01
N SER B 369 -5.18 -32.21 3.38
CA SER B 369 -4.79 -32.45 4.77
C SER B 369 -4.15 -31.25 5.52
N ALA B 370 -3.47 -30.35 4.80
CA ALA B 370 -2.99 -29.10 5.40
C ALA B 370 -4.20 -28.22 5.68
N LEU B 371 -5.02 -28.00 4.66
CA LEU B 371 -6.30 -27.32 4.83
C LEU B 371 -6.97 -27.62 6.20
N ARG B 372 -7.12 -28.90 6.56
CA ARG B 372 -7.89 -29.26 7.74
C ARG B 372 -7.20 -28.94 9.07
N ARG B 373 -5.96 -29.42 9.20
N ARG B 373 -5.96 -29.39 9.20
CA ARG B 373 -5.13 -29.25 10.39
CA ARG B 373 -5.17 -29.23 10.43
C ARG B 373 -4.94 -27.79 10.81
C ARG B 373 -4.92 -27.78 10.82
N TYR B 374 -4.73 -26.92 9.82
CA TYR B 374 -4.29 -25.55 10.07
C TYR B 374 -5.38 -24.49 9.90
N LEU B 375 -6.55 -24.94 9.50
CA LEU B 375 -7.62 -24.02 9.11
C LEU B 375 -8.06 -23.14 10.29
N VAL B 376 -8.14 -21.83 10.04
CA VAL B 376 -8.62 -20.89 11.06
C VAL B 376 -10.09 -20.63 10.79
N GLU B 377 -10.94 -20.93 11.79
CA GLU B 377 -12.37 -20.66 11.67
C GLU B 377 -12.62 -19.16 11.73
N THR B 378 -13.13 -18.62 10.65
CA THR B 378 -13.21 -17.18 10.42
C THR B 378 -14.60 -16.85 9.91
N GLU B 379 -15.25 -15.86 10.55
CA GLU B 379 -16.47 -15.30 9.96
C GLU B 379 -16.62 -13.79 10.10
N ILE B 380 -17.19 -13.18 9.06
CA ILE B 380 -17.43 -11.74 9.02
C ILE B 380 -18.91 -11.54 8.67
N ARG B 381 -19.60 -10.75 9.48
CA ARG B 381 -21.01 -10.41 9.25
C ARG B 381 -21.13 -8.90 9.12
N ILE B 382 -21.97 -8.48 8.17
CA ILE B 382 -22.36 -7.08 8.00
C ILE B 382 -23.88 -7.07 7.99
N GLY B 383 -24.49 -6.21 8.82
CA GLY B 383 -25.95 -6.15 8.98
C GLY B 383 -26.60 -7.47 9.33
N GLY B 384 -25.96 -8.25 10.22
CA GLY B 384 -26.45 -9.56 10.61
C GLY B 384 -26.14 -10.70 9.65
N GLN B 385 -25.74 -10.37 8.43
CA GLN B 385 -25.57 -11.39 7.39
C GLN B 385 -24.10 -11.73 7.13
N LEU B 386 -23.81 -13.03 7.04
CA LEU B 386 -22.48 -13.52 6.70
C LEU B 386 -22.03 -13.00 5.35
N ILE B 387 -20.86 -12.37 5.31
CA ILE B 387 -20.25 -12.02 4.02
C ILE B 387 -18.98 -12.84 3.80
N TYR B 388 -18.51 -13.50 4.85
CA TYR B 388 -17.43 -14.46 4.74
C TYR B 388 -17.52 -15.51 5.83
N ARG B 389 -17.41 -16.77 5.42
CA ARG B 389 -17.26 -17.88 6.34
C ARG B 389 -16.18 -18.79 5.77
N THR B 390 -15.41 -19.40 6.65
CA THR B 390 -14.43 -20.44 6.30
C THR B 390 -15.02 -21.47 5.33
N PRO B 391 -14.35 -21.71 4.19
CA PRO B 391 -14.83 -22.75 3.27
C PRO B 391 -14.40 -24.16 3.72
N GLN B 392 -14.52 -25.16 2.84
CA GLN B 392 -13.91 -26.48 3.07
C GLN B 392 -12.85 -26.86 2.02
NA NA C . -8.62 14.10 -6.16
NA NA D . -9.80 7.46 -24.26
C1 GOL E . 4.87 22.64 -11.73
O1 GOL E . 4.11 23.42 -12.60
C2 GOL E . 6.16 23.36 -11.44
O2 GOL E . 5.94 24.12 -10.29
C3 GOL E . 7.23 22.29 -11.23
O3 GOL E . 7.48 21.64 -12.45
C1 GOL F . -18.13 30.13 0.88
O1 GOL F . -17.92 30.32 -0.50
C2 GOL F . -18.53 28.68 1.12
O2 GOL F . -19.89 28.48 0.81
C3 GOL F . -18.27 28.29 2.57
O3 GOL F . -17.06 27.58 2.66
NA NA G . 15.70 -8.54 2.97
C1 GOL H . 17.66 -27.45 -0.83
O1 GOL H . 16.97 -27.03 -1.98
C2 GOL H . 18.96 -28.04 -1.35
O2 GOL H . 19.16 -29.32 -0.79
C3 GOL H . 20.10 -27.11 -0.98
O3 GOL H . 20.44 -27.35 0.36
C1 GOL I . 22.68 -14.45 -10.29
O1 GOL I . 21.59 -13.98 -9.53
C2 GOL I . 23.45 -13.30 -10.91
O2 GOL I . 23.35 -13.33 -12.31
C3 GOL I . 24.92 -13.32 -10.51
O3 GOL I . 25.50 -12.13 -11.00
#